data_6IV6
#
_entry.id   6IV6
#
_cell.length_a   1.00
_cell.length_b   1.00
_cell.length_c   1.00
_cell.angle_alpha   90.00
_cell.angle_beta   90.00
_cell.angle_gamma   90.00
#
_symmetry.space_group_name_H-M   'P 1'
#
loop_
_entity.id
_entity.type
_entity.pdbx_description
1 polymer nuclease
2 polymer 'RNA (59-MER)'
#
loop_
_entity_poly.entity_id
_entity_poly.type
_entity_poly.pdbx_seq_one_letter_code
_entity_poly.pdbx_strand_id
1 'polypeptide(L)'
;MLFQDFTHLYPLSKTVRFELKPIG(ALY)TLEHIHAKNFLNQDETMADMYQKVKAILDDYHRDFIADMMGEVKLTKLAEF
YDVYLKFRKNPKDDGLQKQLKDLQAVLRKEIVKPIGNGGKYKAGYDRLFGAKLFKDGKELGDLAKFVIAQEGESSP
(ALY)LAHLAHFEKFSTYFTGFHDNRKNMYSDEDKHTAIAYRLIHENLPRFIDNLQILATIKQKHSALYDQIINELTASG
LDVSLASHLDGYHKLLTQEGITAYNTLLGGISGEAGSRKIQGINELINSHHNQHCHKSERIAKLRPLHKQILSDGMGVSF
LPSKFADDSEVCQAVNEFYRHYADVFAKVQSLFDGFDDYQKDGIYVEYKNLNELSKQAFGDFALLGRVLDGYYVDVVNPE
FNERFAKAKTDNAKAKLTKEKDKFIKGVHSLASLEQAIEHYTARHDDESVQAGKLGQYFKHGLAGVDNPIQKIHNNHSTI
KGFLERERPAGERALPKIKSDKSPEIRQLKELLDNALNVAHFAKLLTTKTTLHNQDGNFYGEFGALYDELAKIATLYNKV
RDYLSQKPFSTEKYKLNFGNPTLLNGWDLNKEKDNFGVILQKDGCYYLALLDKAHKKVFDNAPNTGKSVYQKMIYKLLPG
PNKMLP(ALY)VFFAKSNLDYYNPSAELLDKYAQGTHKKGDNFNLKDCHALIDFFKAGINKHPEWQHFGFKFSPTSSYQD
LSDFYREVEPQGYQVKFVDINADYINELVEQGQLYLFQIYNKDFSPKAHGKPNLHTLYFKALFSEDNLVNPIYKLNGEAE
IFYRKASLDMNETTIHRAGEVLENKNPDNPK(ALY)RQFVYDIIKDKRYTQDKFMLHVPITMNFGVQGMTIKEFNKKVNQ
SIQQYDEVNVIGIDRGERHLLYLTVINSKGEILEQRSLNDITTASANGTQMTTPYHKILDKREIERLNARVGWGEIETIK
ELKSGYLSHVVHQISQLMLKYNAIVVLEDLNFGFKRGCFKVEKQIYQNFENALIKKLNHLVLKDKADDEIGSYKNALQLT
NNFTDLKSIGKQTGFLFYVPAWNTSKIDPETGFVDLLKPRYENIAQSQAFFGKFDKICYNADRGYFEFHIDYAKFNDKAK
NSRQIWKICSHGDKRYVYDKTANQNKGATIGVNVNDELKSLFTRYHINDKQPNLVMDICQNNDKEFHKSLMYLLKTLLAL
RYSNASSDEDFILSPVANDEGVFFNSALADDTQPQNADANGAYHIALKGLWLLNELKNSDDLNKVKLAIDNQTWLNFAQN
R
;
A
2 'polyribonucleotide' GUCUAACGACCUUUUAAAUUUCUACUGUUUGUAGAUCUGAUGGUCCAUGUCUGUUACUC G
#
loop_
_chem_comp.id
_chem_comp.type
_chem_comp.name
_chem_comp.formula
A RNA linking ADENOSINE-5'-MONOPHOSPHATE 'C10 H14 N5 O7 P'
C RNA linking CYTIDINE-5'-MONOPHOSPHATE 'C9 H14 N3 O8 P'
G RNA linking GUANOSINE-5'-MONOPHOSPHATE 'C10 H14 N5 O8 P'
U RNA linking URIDINE-5'-MONOPHOSPHATE 'C9 H13 N2 O9 P'
#
# COMPACT_ATOMS: atom_id res chain seq x y z
N MET A 1 29.89 16.00 -3.62
CA MET A 1 30.32 16.93 -2.58
C MET A 1 29.06 17.64 -2.07
N LEU A 2 27.97 17.49 -2.81
CA LEU A 2 26.67 17.97 -2.34
C LEU A 2 26.20 17.16 -1.15
N PHE A 3 26.51 15.86 -1.12
CA PHE A 3 26.14 14.98 -0.02
C PHE A 3 27.29 14.75 0.95
N GLN A 4 28.08 15.79 1.22
CA GLN A 4 29.28 15.60 2.05
C GLN A 4 28.93 15.49 3.52
N ASP A 5 28.18 16.44 4.06
CA ASP A 5 27.87 16.46 5.49
C ASP A 5 26.56 15.75 5.82
N PHE A 6 26.05 14.90 4.93
CA PHE A 6 24.81 14.18 5.18
C PHE A 6 25.04 12.78 5.71
N THR A 7 26.12 12.56 6.45
CA THR A 7 26.35 11.30 7.12
C THR A 7 26.13 11.48 8.62
N HIS A 8 25.62 10.41 9.25
CA HIS A 8 25.39 10.33 10.70
C HIS A 8 24.41 11.39 11.18
N LEU A 9 23.17 11.31 10.68
CA LEU A 9 22.15 12.29 11.02
C LEU A 9 21.10 11.75 11.99
N TYR A 10 20.40 10.68 11.64
CA TYR A 10 19.34 10.15 12.47
C TYR A 10 19.47 8.63 12.56
N PRO A 11 19.06 8.03 13.67
CA PRO A 11 19.22 6.58 13.81
C PRO A 11 18.03 5.78 13.29
N LEU A 12 18.31 4.71 12.57
CA LEU A 12 17.29 3.79 12.07
C LEU A 12 17.74 2.36 12.35
N SER A 13 16.80 1.54 12.84
CA SER A 13 17.11 0.15 13.14
C SER A 13 16.68 -0.76 11.99
N LYS A 14 17.33 -1.91 11.90
CA LYS A 14 17.02 -2.91 10.89
C LYS A 14 17.16 -4.30 11.49
N THR A 15 16.75 -5.31 10.74
CA THR A 15 16.80 -6.70 11.18
C THR A 15 17.56 -7.52 10.15
N VAL A 16 18.69 -8.07 10.56
CA VAL A 16 19.55 -8.85 9.68
C VAL A 16 19.37 -10.32 10.02
N ARG A 17 19.01 -11.13 9.03
CA ARG A 17 18.59 -12.52 9.25
C ARG A 17 19.53 -13.48 8.54
N PHE A 18 19.96 -14.52 9.25
CA PHE A 18 20.92 -15.50 8.76
C PHE A 18 20.40 -16.91 8.95
N GLU A 19 21.18 -17.87 8.46
CA GLU A 19 21.01 -19.28 8.82
C GLU A 19 21.90 -19.60 10.03
N LEU A 20 21.65 -20.76 10.64
CA LEU A 20 22.50 -21.28 11.71
C LEU A 20 22.84 -22.73 11.39
N LYS A 21 24.08 -22.97 10.98
CA LYS A 21 24.50 -24.35 10.75
C LYS A 21 24.99 -24.95 12.06
N PRO A 22 24.54 -26.15 12.42
CA PRO A 22 24.99 -26.76 13.68
C PRO A 22 26.43 -27.28 13.61
N ILE A 23 27.34 -26.57 14.29
CA ILE A 23 28.74 -26.96 14.28
C ILE A 23 29.01 -27.97 15.38
N GLY A 24 29.64 -29.07 15.02
CA GLY A 24 29.92 -30.13 15.97
C GLY A 24 28.77 -31.10 16.03
OH ALY A 25 26.71 -38.59 20.12
CH ALY A 25 27.80 -38.07 20.40
CH3 ALY A 25 28.64 -38.57 21.56
NZ ALY A 25 28.28 -37.01 19.65
CE ALY A 25 29.52 -36.32 19.87
CD ALY A 25 30.05 -35.54 18.66
CG ALY A 25 29.37 -34.20 18.55
CB ALY A 25 28.11 -34.28 17.72
CA ALY A 25 27.68 -32.90 17.19
N ALY A 25 28.77 -31.97 17.02
C ALY A 25 26.68 -32.31 18.15
O ALY A 25 26.44 -32.78 19.26
N THR A 26 26.06 -31.22 17.70
CA THR A 26 25.09 -30.51 18.52
C THR A 26 23.67 -30.67 17.97
N LEU A 27 23.57 -31.06 16.69
CA LEU A 27 22.26 -31.38 16.13
C LEU A 27 21.70 -32.66 16.75
N GLU A 28 22.59 -33.61 17.07
CA GLU A 28 22.15 -34.84 17.72
C GLU A 28 21.74 -34.56 19.16
N HIS A 29 22.42 -33.64 19.83
CA HIS A 29 22.03 -33.27 21.19
C HIS A 29 20.74 -32.48 21.21
N ILE A 30 20.48 -31.71 20.15
CA ILE A 30 19.20 -31.01 20.04
C ILE A 30 18.07 -32.01 19.77
N HIS A 31 18.34 -33.01 18.93
CA HIS A 31 17.35 -34.06 18.68
C HIS A 31 17.19 -34.99 19.87
N ALA A 32 18.15 -34.99 20.79
CA ALA A 32 18.03 -35.82 21.98
C ALA A 32 17.09 -35.20 23.01
N LYS A 33 17.23 -33.91 23.26
CA LYS A 33 16.41 -33.23 24.27
C LYS A 33 15.00 -32.92 23.78
N ASN A 34 14.72 -33.14 22.49
CA ASN A 34 13.42 -32.85 21.86
C ASN A 34 13.02 -31.39 22.00
N PHE A 35 13.89 -30.49 21.55
CA PHE A 35 13.57 -29.07 21.56
C PHE A 35 12.68 -28.70 20.38
N LEU A 36 13.02 -29.23 19.20
CA LEU A 36 12.29 -28.92 17.97
C LEU A 36 10.86 -29.43 18.04
N ASN A 37 10.66 -30.64 18.57
CA ASN A 37 9.32 -31.21 18.65
C ASN A 37 8.49 -30.49 19.73
N GLN A 38 9.14 -30.06 20.82
CA GLN A 38 8.47 -29.28 21.84
C GLN A 38 7.94 -27.97 21.29
N ASP A 39 8.79 -27.22 20.58
CA ASP A 39 8.32 -25.96 20.01
C ASP A 39 7.36 -26.17 18.85
N GLU A 40 7.46 -27.32 18.16
CA GLU A 40 6.52 -27.63 17.09
C GLU A 40 5.12 -27.86 17.62
N THR A 41 4.98 -28.72 18.65
CA THR A 41 3.66 -28.94 19.24
C THR A 41 3.17 -27.72 20.00
N MET A 42 4.08 -26.87 20.46
CA MET A 42 3.63 -25.64 21.11
C MET A 42 3.07 -24.65 20.11
N ALA A 43 3.72 -24.50 18.95
CA ALA A 43 3.14 -23.66 17.90
C ALA A 43 1.96 -24.34 17.22
N ASP A 44 1.76 -25.64 17.47
CA ASP A 44 0.54 -26.32 17.05
C ASP A 44 -0.61 -25.98 18.02
N MET A 45 -0.33 -25.97 19.32
CA MET A 45 -1.35 -25.61 20.30
C MET A 45 -1.64 -24.12 20.36
N TYR A 46 -0.79 -23.29 19.72
CA TYR A 46 -1.01 -21.85 19.69
C TYR A 46 -2.31 -21.48 19.00
N GLN A 47 -2.69 -22.22 17.95
CA GLN A 47 -3.96 -21.97 17.26
C GLN A 47 -5.15 -22.27 18.16
N LYS A 48 -5.06 -23.34 18.94
CA LYS A 48 -6.16 -23.73 19.81
C LYS A 48 -6.31 -22.76 20.99
N VAL A 49 -5.18 -22.30 21.55
CA VAL A 49 -5.28 -21.32 22.64
C VAL A 49 -5.74 -19.98 22.10
N LYS A 50 -5.42 -19.65 20.85
CA LYS A 50 -5.94 -18.44 20.22
C LYS A 50 -7.45 -18.53 20.01
N ALA A 51 -7.94 -19.72 19.65
CA ALA A 51 -9.38 -19.90 19.48
C ALA A 51 -10.12 -19.84 20.82
N ILE A 52 -9.51 -20.39 21.87
CA ILE A 52 -10.08 -20.29 23.22
C ILE A 52 -10.12 -18.85 23.69
N LEU A 53 -9.08 -18.07 23.37
CA LEU A 53 -9.04 -16.67 23.80
C LEU A 53 -10.01 -15.84 22.97
N ASP A 54 -10.25 -16.23 21.71
CA ASP A 54 -11.28 -15.57 20.91
C ASP A 54 -12.68 -15.84 21.45
N ASP A 55 -12.93 -17.08 21.90
CA ASP A 55 -14.19 -17.38 22.57
C ASP A 55 -14.34 -16.60 23.88
N TYR A 56 -13.22 -16.39 24.58
CA TYR A 56 -13.26 -15.58 25.79
C TYR A 56 -13.57 -14.12 25.48
N HIS A 57 -13.04 -13.61 24.37
CA HIS A 57 -13.39 -12.27 23.92
C HIS A 57 -14.86 -12.17 23.51
N ARG A 58 -15.40 -13.22 22.92
CA ARG A 58 -16.82 -13.25 22.57
C ARG A 58 -17.71 -13.21 23.80
N ASP A 59 -17.37 -14.02 24.81
CA ASP A 59 -18.11 -14.02 26.07
C ASP A 59 -17.97 -12.69 26.80
N PHE A 60 -16.78 -12.06 26.70
CA PHE A 60 -16.59 -10.77 27.35
C PHE A 60 -17.38 -9.67 26.65
N ILE A 61 -17.54 -9.77 25.32
CA ILE A 61 -18.39 -8.83 24.59
C ILE A 61 -19.84 -8.99 25.00
N ALA A 62 -20.31 -10.24 25.10
CA ALA A 62 -21.69 -10.50 25.48
C ALA A 62 -21.97 -10.11 26.93
N ASP A 63 -20.95 -10.16 27.79
CA ASP A 63 -21.14 -9.73 29.17
C ASP A 63 -21.03 -8.22 29.31
N MET A 64 -20.17 -7.59 28.51
CA MET A 64 -20.01 -6.15 28.55
C MET A 64 -21.23 -5.42 28.01
N MET A 65 -21.85 -5.96 26.96
CA MET A 65 -23.06 -5.35 26.46
C MET A 65 -24.24 -5.68 27.38
N GLY A 66 -25.22 -4.78 27.38
CA GLY A 66 -26.30 -4.84 28.36
C GLY A 66 -26.09 -3.98 29.58
N GLU A 67 -24.97 -3.27 29.66
CA GLU A 67 -24.71 -2.32 30.73
C GLU A 67 -24.39 -0.92 30.21
N VAL A 68 -24.80 -0.59 28.98
CA VAL A 68 -24.43 0.68 28.38
C VAL A 68 -25.35 1.79 28.85
N LYS A 69 -26.67 1.57 28.74
CA LYS A 69 -27.72 2.56 29.04
C LYS A 69 -27.53 3.85 28.24
N LEU A 70 -27.63 3.72 26.91
CA LEU A 70 -27.56 4.89 26.04
C LEU A 70 -28.94 5.54 25.95
N THR A 71 -28.97 6.89 26.03
CA THR A 71 -30.22 7.63 26.11
C THR A 71 -30.23 8.82 25.14
N LYS A 72 -29.71 8.63 23.93
CA LYS A 72 -29.81 9.65 22.88
C LYS A 72 -30.55 9.14 21.65
N LEU A 73 -31.40 8.12 21.83
CA LEU A 73 -32.05 7.47 20.69
C LEU A 73 -33.16 8.34 20.11
N ALA A 74 -33.91 9.03 20.97
CA ALA A 74 -34.95 9.93 20.47
C ALA A 74 -34.35 11.14 19.78
N GLU A 75 -33.21 11.63 20.29
CA GLU A 75 -32.52 12.75 19.64
C GLU A 75 -31.94 12.33 18.30
N PHE A 76 -31.47 11.08 18.18
CA PHE A 76 -31.02 10.59 16.88
C PHE A 76 -32.20 10.35 15.94
N TYR A 77 -33.36 10.01 16.50
CA TYR A 77 -34.58 9.86 15.70
C TYR A 77 -35.01 11.20 15.11
N ASP A 78 -34.88 12.27 15.88
CA ASP A 78 -35.23 13.60 15.37
C ASP A 78 -34.18 14.12 14.39
N VAL A 79 -32.90 13.99 14.74
CA VAL A 79 -31.84 14.60 13.93
C VAL A 79 -31.64 13.83 12.62
N TYR A 80 -31.69 12.49 12.69
CA TYR A 80 -31.39 11.66 11.53
C TYR A 80 -32.44 11.80 10.44
N LEU A 81 -33.72 11.80 10.83
CA LEU A 81 -34.78 12.11 9.89
C LEU A 81 -34.77 13.61 9.54
N LYS A 82 -35.11 13.94 8.29
CA LYS A 82 -35.40 13.03 7.18
C LYS A 82 -34.18 12.87 6.27
N PHE A 83 -33.21 12.08 6.74
CA PHE A 83 -31.97 11.71 6.03
C PHE A 83 -31.03 12.90 5.79
N ARG A 84 -31.37 14.05 6.38
CA ARG A 84 -30.48 15.21 6.57
C ARG A 84 -29.94 15.78 5.26
N LYS A 85 -30.86 16.23 4.39
CA LYS A 85 -30.66 17.25 3.35
C LYS A 85 -29.47 17.02 2.42
N ASN A 86 -29.56 16.00 1.57
CA ASN A 86 -28.47 15.71 0.64
C ASN A 86 -28.09 16.83 -0.34
N PRO A 87 -29.03 17.71 -0.83
CA PRO A 87 -28.55 18.91 -1.53
C PRO A 87 -27.76 19.88 -0.66
N LYS A 88 -28.14 20.03 0.62
CA LYS A 88 -27.40 20.94 1.49
C LYS A 88 -26.06 20.34 1.90
N ASP A 89 -26.11 19.24 2.67
CA ASP A 89 -25.00 18.31 2.89
C ASP A 89 -23.81 18.86 3.69
N ASP A 90 -23.84 20.14 4.05
CA ASP A 90 -22.74 20.73 4.78
C ASP A 90 -23.27 21.63 5.90
N GLY A 91 -22.78 21.39 7.11
CA GLY A 91 -23.24 22.10 8.28
C GLY A 91 -24.26 21.33 9.11
N LEU A 92 -24.91 20.33 8.52
CA LEU A 92 -25.83 19.47 9.24
C LEU A 92 -25.33 18.02 9.29
N GLN A 93 -24.65 17.59 8.23
CA GLN A 93 -23.96 16.30 8.27
C GLN A 93 -22.79 16.34 9.25
N LYS A 94 -22.18 17.53 9.43
CA LYS A 94 -21.15 17.69 10.44
C LYS A 94 -21.71 17.49 11.85
N GLN A 95 -22.90 18.05 12.11
CA GLN A 95 -23.50 17.87 13.43
C GLN A 95 -24.05 16.46 13.61
N LEU A 96 -24.45 15.81 12.52
CA LEU A 96 -24.81 14.40 12.60
C LEU A 96 -23.59 13.54 12.89
N LYS A 97 -22.43 13.90 12.32
CA LYS A 97 -21.20 13.19 12.59
C LYS A 97 -20.73 13.42 14.03
N ASP A 98 -21.05 14.58 14.60
CA ASP A 98 -20.77 14.81 16.01
C ASP A 98 -21.73 14.02 16.90
N LEU A 99 -22.99 13.88 16.48
CA LEU A 99 -23.96 13.10 17.24
C LEU A 99 -23.62 11.62 17.22
N GLN A 100 -23.10 11.13 16.09
CA GLN A 100 -22.63 9.74 16.02
C GLN A 100 -21.44 9.52 16.94
N ALA A 101 -20.58 10.53 17.06
CA ALA A 101 -19.42 10.41 17.95
C ALA A 101 -19.85 10.42 19.41
N VAL A 102 -20.79 11.28 19.77
CA VAL A 102 -21.21 11.35 21.17
C VAL A 102 -22.10 10.16 21.51
N LEU A 103 -22.66 9.49 20.50
CA LEU A 103 -23.32 8.21 20.76
C LEU A 103 -22.32 7.08 20.94
N ARG A 104 -21.29 6.99 20.07
CA ARG A 104 -20.34 5.90 20.20
C ARG A 104 -19.35 6.10 21.33
N LYS A 105 -19.36 7.27 21.99
CA LYS A 105 -18.65 7.39 23.26
C LYS A 105 -19.28 6.53 24.35
N GLU A 106 -20.60 6.30 24.31
CA GLU A 106 -21.24 5.53 25.38
C GLU A 106 -20.98 4.05 25.27
N ILE A 107 -20.58 3.56 24.09
CA ILE A 107 -20.32 2.12 23.94
C ILE A 107 -18.98 1.77 24.60
N VAL A 108 -18.05 2.72 24.63
CA VAL A 108 -16.74 2.49 25.21
C VAL A 108 -16.66 3.15 26.59
N LYS A 109 -17.70 3.89 26.97
CA LYS A 109 -17.85 4.42 28.32
C LYS A 109 -18.01 3.41 29.48
N PRO A 110 -18.82 2.34 29.39
CA PRO A 110 -19.17 1.64 30.64
C PRO A 110 -18.09 0.72 31.15
N ILE A 111 -16.92 0.71 30.51
CA ILE A 111 -15.77 -0.04 30.99
C ILE A 111 -14.63 0.88 31.40
N GLY A 112 -14.46 2.01 30.72
CA GLY A 112 -13.41 2.97 31.01
C GLY A 112 -13.86 4.06 31.97
N ASN A 113 -13.39 3.94 33.21
CA ASN A 113 -13.68 4.86 34.34
C ASN A 113 -15.02 4.46 34.97
N GLY A 114 -15.78 3.57 34.33
CA GLY A 114 -17.08 3.12 34.87
C GLY A 114 -16.90 2.30 36.13
N GLY A 115 -15.96 1.36 36.10
CA GLY A 115 -15.59 0.51 37.24
C GLY A 115 -16.50 -0.67 37.48
N LYS A 116 -17.60 -0.80 36.73
CA LYS A 116 -18.39 -2.06 36.76
C LYS A 116 -17.52 -3.16 36.16
N TYR A 117 -16.76 -2.78 35.12
CA TYR A 117 -15.86 -3.66 34.40
C TYR A 117 -14.42 -3.14 34.35
N LYS A 118 -14.05 -2.24 35.27
CA LYS A 118 -12.68 -2.19 35.80
C LYS A 118 -11.59 -1.87 34.77
N ALA A 119 -11.44 -0.57 34.47
CA ALA A 119 -10.83 -0.02 33.23
C ALA A 119 -9.51 -0.67 32.81
N GLY A 120 -8.77 -1.28 33.74
CA GLY A 120 -7.56 -2.00 33.33
C GLY A 120 -7.87 -3.30 32.60
N TYR A 121 -9.10 -3.81 32.78
CA TYR A 121 -9.79 -4.99 32.22
C TYR A 121 -9.27 -6.30 32.81
N ASP A 122 -8.06 -6.29 33.37
CA ASP A 122 -7.29 -7.38 33.98
C ASP A 122 -6.97 -8.53 33.02
N ARG A 123 -7.48 -8.53 31.79
CA ARG A 123 -7.35 -9.68 30.91
C ARG A 123 -7.01 -9.34 29.47
N LEU A 124 -7.12 -8.08 29.04
CA LEU A 124 -6.65 -7.74 27.70
C LEU A 124 -5.13 -7.73 27.65
N PHE A 125 -4.49 -7.32 28.74
CA PHE A 125 -3.05 -7.47 28.87
C PHE A 125 -2.76 -8.94 29.17
N GLY A 126 -2.00 -9.59 28.29
CA GLY A 126 -1.84 -11.03 28.35
C GLY A 126 -0.85 -11.52 29.39
N ALA A 127 -0.42 -10.66 30.32
CA ALA A 127 0.50 -11.09 31.36
C ALA A 127 -0.20 -11.99 32.37
N LYS A 128 -1.35 -11.56 32.87
CA LYS A 128 -2.10 -12.32 33.87
C LYS A 128 -3.34 -13.00 33.30
N LEU A 129 -3.35 -13.33 32.00
CA LEU A 129 -4.30 -14.32 31.50
C LEU A 129 -3.90 -15.72 31.92
N PHE A 130 -2.64 -15.90 32.32
CA PHE A 130 -2.10 -17.19 32.67
C PHE A 130 -1.32 -17.06 33.96
N LYS A 131 -1.59 -17.97 34.90
CA LYS A 131 -0.83 -18.15 36.14
C LYS A 131 -0.84 -16.91 37.05
N ASP A 132 -2.02 -16.42 37.42
CA ASP A 132 -2.15 -15.44 38.49
C ASP A 132 -3.12 -15.97 39.53
N GLY A 133 -2.77 -15.79 40.81
CA GLY A 133 -3.58 -16.29 41.91
C GLY A 133 -3.70 -17.81 41.99
N LYS A 134 -2.88 -18.55 41.22
CA LYS A 134 -2.80 -19.99 41.00
C LYS A 134 -3.96 -20.51 40.15
N GLU A 135 -4.95 -19.66 39.91
CA GLU A 135 -6.07 -19.86 39.01
C GLU A 135 -6.84 -18.54 38.95
N LEU A 136 -7.33 -18.20 37.76
CA LEU A 136 -8.08 -16.96 37.57
C LEU A 136 -9.47 -17.19 37.02
N GLY A 137 -9.85 -18.43 36.74
CA GLY A 137 -11.01 -18.66 35.89
C GLY A 137 -12.29 -18.86 36.66
N ASP A 138 -12.27 -18.64 37.98
CA ASP A 138 -13.49 -18.67 38.78
C ASP A 138 -14.45 -17.57 38.34
N LEU A 139 -13.93 -16.37 38.09
CA LEU A 139 -14.75 -15.33 37.47
C LEU A 139 -14.75 -15.45 35.95
N ALA A 140 -13.65 -15.94 35.37
CA ALA A 140 -13.48 -15.99 33.93
C ALA A 140 -14.12 -17.23 33.32
N LYS A 141 -13.79 -17.52 32.06
CA LYS A 141 -14.45 -18.53 31.25
C LYS A 141 -14.07 -19.97 31.64
N PHE A 142 -13.22 -20.16 32.66
CA PHE A 142 -12.77 -21.53 32.96
C PHE A 142 -13.86 -22.31 33.68
N VAL A 143 -14.89 -21.63 34.20
CA VAL A 143 -16.05 -22.34 34.73
C VAL A 143 -16.89 -22.91 33.60
N ILE A 144 -16.81 -22.29 32.41
CA ILE A 144 -17.35 -22.91 31.20
C ILE A 144 -16.36 -23.91 30.65
N ALA A 145 -15.06 -23.58 30.73
CA ALA A 145 -14.03 -24.38 30.06
C ALA A 145 -13.56 -25.54 30.93
N GLN A 146 -14.12 -25.67 32.14
CA GLN A 146 -13.74 -26.80 33.00
C GLN A 146 -14.21 -28.12 32.42
N GLU A 147 -15.54 -28.29 32.31
CA GLU A 147 -16.21 -29.52 31.89
C GLU A 147 -15.77 -30.71 32.74
N GLY A 148 -15.62 -30.42 34.05
CA GLY A 148 -14.98 -31.29 35.03
C GLY A 148 -13.59 -31.75 34.57
N GLU A 149 -12.69 -30.77 34.40
CA GLU A 149 -11.30 -30.96 33.98
C GLU A 149 -11.22 -31.69 32.63
N SER A 150 -11.66 -30.96 31.59
CA SER A 150 -11.78 -31.51 30.24
C SER A 150 -10.44 -31.97 29.68
N SER A 151 -10.48 -33.10 28.97
CA SER A 151 -9.27 -33.66 28.38
C SER A 151 -8.76 -32.90 27.15
N PRO A 152 -9.62 -32.36 26.24
CA PRO A 152 -8.94 -31.54 25.21
C PRO A 152 -8.45 -30.19 25.71
OH ALY A 153 -11.85 -28.33 21.88
CH ALY A 153 -12.55 -27.37 22.24
CH3 ALY A 153 -13.72 -26.89 21.42
NZ ALY A 153 -12.30 -26.69 23.43
CE ALY A 153 -11.23 -27.01 24.32
CD ALY A 153 -11.28 -26.25 25.65
CG ALY A 153 -9.93 -26.31 26.35
CB ALY A 153 -9.89 -27.35 27.45
CA ALY A 153 -8.73 -28.33 27.23
N ALY A 153 -9.13 -29.61 26.69
C ALY A 153 -8.01 -28.52 28.54
O ALY A 153 -7.24 -29.64 28.49
N LEU A 154 -7.40 -27.43 29.03
CA LEU A 154 -6.63 -27.41 30.29
C LEU A 154 -5.19 -27.91 30.08
N ALA A 155 -5.05 -29.07 29.42
CA ALA A 155 -3.72 -29.56 29.06
C ALA A 155 -3.11 -28.71 27.96
N HIS A 156 -3.94 -28.26 27.00
CA HIS A 156 -3.46 -27.40 25.93
C HIS A 156 -3.20 -25.99 26.42
N LEU A 157 -3.73 -25.64 27.59
CA LEU A 157 -3.47 -24.37 28.24
C LEU A 157 -2.32 -24.45 29.23
N ALA A 158 -1.74 -25.63 29.42
CA ALA A 158 -0.68 -25.78 30.41
C ALA A 158 0.67 -25.31 29.86
N HIS A 159 0.79 -25.26 28.54
CA HIS A 159 2.06 -24.83 27.93
C HIS A 159 2.28 -23.34 28.13
N PHE A 160 1.23 -22.53 27.88
CA PHE A 160 1.38 -21.09 27.75
C PHE A 160 1.28 -20.39 29.11
N GLU A 161 2.06 -20.86 30.07
CA GLU A 161 2.14 -20.24 31.39
C GLU A 161 3.37 -19.35 31.51
N LYS A 162 4.55 -19.92 31.29
CA LYS A 162 5.77 -19.14 31.30
C LYS A 162 5.92 -18.35 30.02
N PHE A 163 5.45 -18.90 28.90
CA PHE A 163 5.58 -18.26 27.60
C PHE A 163 4.32 -17.45 27.26
N SER A 164 4.07 -16.45 28.10
CA SER A 164 2.88 -15.63 27.94
C SER A 164 3.04 -14.60 26.81
N THR A 165 4.26 -14.37 26.35
CA THR A 165 4.54 -13.27 25.43
C THR A 165 4.36 -13.68 23.97
N TYR A 166 3.84 -14.88 23.70
CA TYR A 166 3.45 -15.22 22.33
C TYR A 166 2.22 -14.45 21.86
N PHE A 167 1.45 -13.87 22.77
CA PHE A 167 0.23 -13.17 22.42
C PHE A 167 0.39 -11.66 22.45
N THR A 168 1.64 -11.16 22.46
CA THR A 168 1.85 -9.71 22.47
C THR A 168 1.54 -9.10 21.11
N GLY A 169 1.56 -9.91 20.05
CA GLY A 169 1.15 -9.42 18.75
C GLY A 169 -0.32 -9.69 18.48
N PHE A 170 -0.88 -10.69 19.14
CA PHE A 170 -2.28 -11.03 18.95
C PHE A 170 -3.19 -10.08 19.73
N HIS A 171 -2.74 -9.63 20.91
CA HIS A 171 -3.56 -8.73 21.72
C HIS A 171 -3.65 -7.34 21.10
N ASP A 172 -2.68 -7.00 20.23
CA ASP A 172 -2.72 -5.72 19.53
C ASP A 172 -3.87 -5.67 18.53
N ASN A 173 -4.24 -6.81 17.96
CA ASN A 173 -5.38 -6.86 17.05
C ASN A 173 -6.69 -6.82 17.81
N ARG A 174 -6.74 -7.45 18.99
CA ARG A 174 -7.98 -7.47 19.77
C ARG A 174 -8.18 -6.18 20.55
N LYS A 175 -7.13 -5.37 20.69
CA LYS A 175 -7.25 -4.08 21.34
C LYS A 175 -8.01 -3.06 20.49
N ASN A 176 -8.18 -3.35 19.20
CA ASN A 176 -8.86 -2.39 18.31
C ASN A 176 -10.36 -2.60 18.29
N MET A 177 -10.85 -3.69 18.90
CA MET A 177 -12.29 -3.93 18.96
C MET A 177 -12.98 -2.93 19.88
N TYR A 178 -12.32 -2.56 20.97
CA TYR A 178 -12.89 -1.69 21.98
C TYR A 178 -12.47 -0.23 21.82
N SER A 179 -12.13 0.18 20.60
CA SER A 179 -11.57 1.51 20.37
C SER A 179 -12.66 2.58 20.37
N ASP A 180 -12.28 3.77 20.82
CA ASP A 180 -13.19 4.91 20.78
C ASP A 180 -13.31 5.50 19.37
N GLU A 181 -12.31 5.25 18.53
CA GLU A 181 -12.28 5.86 17.20
C GLU A 181 -13.33 5.25 16.28
N ASP A 182 -13.54 5.91 15.15
CA ASP A 182 -14.55 5.47 14.18
C ASP A 182 -13.94 4.64 13.04
N LYS A 183 -12.79 4.01 13.28
CA LYS A 183 -12.28 3.03 12.34
C LYS A 183 -13.21 1.82 12.33
N HIS A 184 -13.33 1.15 11.18
CA HIS A 184 -14.46 0.24 10.98
C HIS A 184 -14.22 -1.14 11.57
N THR A 185 -13.09 -1.34 12.25
CA THR A 185 -12.84 -2.62 12.90
C THR A 185 -13.49 -2.68 14.29
N ALA A 186 -13.95 -1.54 14.80
CA ALA A 186 -14.37 -1.44 16.19
C ALA A 186 -15.72 -2.10 16.43
N ILE A 187 -16.03 -2.36 17.70
CA ILE A 187 -17.36 -2.83 18.09
C ILE A 187 -18.37 -1.70 17.97
N ALA A 188 -17.98 -0.50 18.42
CA ALA A 188 -18.90 0.63 18.44
C ALA A 188 -19.23 1.15 17.04
N TYR A 189 -18.42 0.77 16.05
CA TYR A 189 -18.77 1.08 14.66
C TYR A 189 -19.92 0.23 14.18
N ARG A 190 -19.90 -1.07 14.48
CA ARG A 190 -20.91 -1.96 13.92
C ARG A 190 -22.25 -1.84 14.65
N LEU A 191 -22.24 -1.26 15.85
CA LEU A 191 -23.49 -1.05 16.57
C LEU A 191 -24.14 0.27 16.18
N ILE A 192 -23.35 1.35 16.12
CA ILE A 192 -23.90 2.69 15.95
C ILE A 192 -23.88 3.17 14.50
N HIS A 193 -22.98 2.65 13.66
CA HIS A 193 -22.90 3.07 12.26
C HIS A 193 -23.43 2.01 11.31
N GLU A 194 -23.28 0.72 11.63
CA GLU A 194 -23.83 -0.32 10.77
C GLU A 194 -25.27 -0.63 11.14
N ASN A 195 -25.49 -1.05 12.38
CA ASN A 195 -26.79 -1.60 12.75
C ASN A 195 -27.81 -0.51 13.04
N LEU A 196 -27.37 0.61 13.63
CA LEU A 196 -28.33 1.63 14.05
C LEU A 196 -28.95 2.41 12.87
N PRO A 197 -28.23 2.77 11.79
CA PRO A 197 -28.96 3.31 10.63
C PRO A 197 -29.84 2.29 9.94
N ARG A 198 -29.53 0.99 10.05
CA ARG A 198 -30.41 -0.01 9.45
C ARG A 198 -31.58 -0.34 10.37
N PHE A 199 -31.45 -0.03 11.67
CA PHE A 199 -32.56 -0.29 12.58
C PHE A 199 -33.63 0.78 12.45
N ILE A 200 -33.23 2.04 12.31
CA ILE A 200 -34.18 3.12 12.12
C ILE A 200 -34.80 3.02 10.72
N ASP A 201 -34.08 2.45 9.76
CA ASP A 201 -34.62 2.25 8.43
C ASP A 201 -35.62 1.10 8.40
N ASN A 202 -35.31 0.02 9.12
CA ASN A 202 -36.22 -1.13 9.15
C ASN A 202 -37.47 -0.83 9.95
N LEU A 203 -37.35 0.04 10.96
CA LEU A 203 -38.52 0.41 11.75
C LEU A 203 -39.44 1.34 10.97
N GLN A 204 -38.87 2.30 10.24
CA GLN A 204 -39.68 3.36 9.63
C GLN A 204 -40.50 2.83 8.47
N ILE A 205 -40.06 1.76 7.82
CA ILE A 205 -40.90 1.07 6.85
C ILE A 205 -42.08 0.41 7.54
N LEU A 206 -41.83 -0.18 8.71
CA LEU A 206 -42.87 -0.82 9.49
C LEU A 206 -43.66 0.15 10.36
N ALA A 207 -43.13 1.36 10.61
CA ALA A 207 -43.85 2.33 11.42
C ALA A 207 -44.90 3.09 10.62
N THR A 208 -45.01 2.85 9.31
CA THR A 208 -46.07 3.44 8.50
C THR A 208 -47.38 2.67 8.75
N ILE A 209 -47.94 2.88 9.94
CA ILE A 209 -49.19 2.24 10.29
C ILE A 209 -50.36 2.96 9.63
N LYS A 210 -50.50 4.26 9.91
CA LYS A 210 -51.59 5.04 9.37
C LYS A 210 -51.19 5.92 8.20
N GLN A 211 -49.90 6.01 7.87
CA GLN A 211 -49.48 6.80 6.73
C GLN A 211 -49.87 6.13 5.41
N LYS A 212 -49.65 4.83 5.30
CA LYS A 212 -50.14 4.04 4.19
C LYS A 212 -51.50 3.46 4.58
N HIS A 213 -52.02 2.52 3.78
CA HIS A 213 -53.28 1.85 4.09
C HIS A 213 -53.11 0.66 5.03
N SER A 214 -52.00 0.60 5.78
CA SER A 214 -51.70 -0.51 6.67
C SER A 214 -52.35 -0.37 8.04
N ALA A 215 -53.41 0.43 8.17
CA ALA A 215 -54.12 0.52 9.43
C ALA A 215 -54.93 -0.74 9.70
N LEU A 216 -55.31 -1.45 8.63
CA LEU A 216 -56.20 -2.59 8.79
C LEU A 216 -55.44 -3.89 9.03
N TYR A 217 -54.55 -4.27 8.12
CA TYR A 217 -53.90 -5.58 8.16
C TYR A 217 -52.66 -5.61 9.05
N ASP A 218 -52.39 -4.54 9.82
CA ASP A 218 -51.26 -4.58 10.74
C ASP A 218 -51.48 -5.58 11.87
N GLN A 219 -52.73 -5.76 12.27
CA GLN A 219 -53.00 -6.59 13.44
C GLN A 219 -52.89 -8.08 13.13
N ILE A 220 -53.22 -8.48 11.89
CA ILE A 220 -53.19 -9.90 11.55
C ILE A 220 -51.77 -10.40 11.41
N ILE A 221 -50.80 -9.48 11.27
CA ILE A 221 -49.41 -9.85 11.47
C ILE A 221 -49.15 -10.12 12.95
N ASN A 222 -49.72 -9.29 13.82
CA ASN A 222 -49.39 -9.38 15.24
C ASN A 222 -50.14 -10.53 15.93
N GLU A 223 -51.28 -10.95 15.38
CA GLU A 223 -51.99 -12.09 15.95
C GLU A 223 -51.29 -13.40 15.59
N LEU A 224 -50.77 -13.50 14.37
CA LEU A 224 -50.07 -14.72 13.97
C LEU A 224 -48.69 -14.78 14.61
N THR A 225 -48.07 -13.62 14.86
CA THR A 225 -46.83 -13.59 15.62
C THR A 225 -47.06 -13.44 17.12
N ALA A 226 -48.31 -13.60 17.58
CA ALA A 226 -48.54 -13.69 19.02
C ALA A 226 -48.25 -15.09 19.53
N SER A 227 -48.22 -16.09 18.64
CA SER A 227 -47.82 -17.43 19.02
C SER A 227 -46.33 -17.48 19.35
N GLY A 228 -45.52 -16.81 18.56
CA GLY A 228 -44.10 -16.66 18.82
C GLY A 228 -43.55 -15.58 17.93
N LEU A 229 -42.31 -15.17 18.23
CA LEU A 229 -41.57 -14.13 17.48
C LEU A 229 -42.31 -12.80 17.51
N ASP A 230 -42.40 -12.22 18.70
CA ASP A 230 -43.16 -10.98 18.92
C ASP A 230 -42.53 -9.80 18.19
N VAL A 231 -43.37 -9.03 17.48
CA VAL A 231 -42.92 -7.88 16.71
C VAL A 231 -42.67 -6.66 17.60
N SER A 232 -43.07 -6.71 18.87
CA SER A 232 -42.89 -5.58 19.77
C SER A 232 -41.43 -5.34 20.13
N LEU A 233 -40.56 -6.32 19.87
CA LEU A 233 -39.13 -6.09 19.98
C LEU A 233 -38.61 -5.26 18.81
N ALA A 234 -39.34 -5.25 17.70
CA ALA A 234 -38.89 -4.63 16.45
C ALA A 234 -39.76 -3.46 16.00
N SER A 235 -40.70 -3.02 16.84
CA SER A 235 -41.67 -2.01 16.42
C SER A 235 -41.59 -0.71 17.22
N HIS A 236 -40.69 -0.61 18.19
CA HIS A 236 -40.54 0.59 18.99
C HIS A 236 -39.09 1.05 18.97
N LEU A 237 -38.88 2.36 19.03
CA LEU A 237 -37.54 2.92 19.00
C LEU A 237 -36.77 2.63 20.27
N ASP A 238 -37.47 2.57 21.41
CA ASP A 238 -36.81 2.37 22.70
C ASP A 238 -36.32 0.94 22.86
N GLY A 239 -36.86 0.01 22.06
CA GLY A 239 -36.40 -1.36 22.08
C GLY A 239 -35.26 -1.65 21.13
N TYR A 240 -34.23 -0.80 21.16
CA TYR A 240 -32.99 -1.05 20.43
C TYR A 240 -31.89 -1.61 21.31
N HIS A 241 -31.82 -1.21 22.58
CA HIS A 241 -30.83 -1.76 23.48
C HIS A 241 -31.20 -3.14 24.01
N LYS A 242 -32.36 -3.67 23.60
CA LYS A 242 -32.65 -5.09 23.80
C LYS A 242 -31.69 -5.95 23.01
N LEU A 243 -31.27 -5.49 21.83
CA LEU A 243 -30.46 -6.27 20.89
C LEU A 243 -29.05 -5.69 20.70
N LEU A 244 -28.46 -5.11 21.75
CA LEU A 244 -27.06 -4.69 21.64
C LEU A 244 -26.13 -5.90 21.69
N THR A 245 -26.54 -6.96 22.39
CA THR A 245 -25.74 -8.17 22.45
C THR A 245 -25.87 -8.96 21.15
N GLN A 246 -25.03 -10.00 21.03
CA GLN A 246 -25.14 -10.89 19.88
C GLN A 246 -26.39 -11.75 19.97
N GLU A 247 -26.80 -12.11 21.20
CA GLU A 247 -27.98 -12.95 21.37
C GLU A 247 -29.26 -12.17 21.12
N GLY A 248 -29.19 -10.84 21.16
CA GLY A 248 -30.35 -10.03 20.81
C GLY A 248 -30.53 -9.88 19.31
N ILE A 249 -29.41 -9.76 18.59
CA ILE A 249 -29.46 -9.54 17.14
C ILE A 249 -29.96 -10.79 16.42
N THR A 250 -29.53 -11.97 16.89
CA THR A 250 -29.95 -13.22 16.27
C THR A 250 -31.44 -13.47 16.49
N ALA A 251 -31.96 -13.05 17.65
CA ALA A 251 -33.40 -13.11 17.88
C ALA A 251 -34.15 -12.11 17.00
N TYR A 252 -33.49 -10.98 16.69
CA TYR A 252 -34.10 -10.00 15.81
C TYR A 252 -34.10 -10.48 14.36
N ASN A 253 -32.99 -11.07 13.92
CA ASN A 253 -32.90 -11.53 12.53
C ASN A 253 -33.65 -12.83 12.30
N THR A 254 -34.02 -13.52 13.37
CA THR A 254 -34.92 -14.67 13.24
C THR A 254 -36.32 -14.18 12.84
N LEU A 255 -36.71 -13.01 13.33
CA LEU A 255 -37.99 -12.41 12.95
C LEU A 255 -37.96 -11.94 11.50
N LEU A 256 -36.91 -11.22 11.11
CA LEU A 256 -36.86 -10.64 9.78
C LEU A 256 -36.51 -11.68 8.72
N GLY A 257 -35.58 -12.58 9.04
CA GLY A 257 -35.19 -13.62 8.10
C GLY A 257 -36.22 -14.72 8.00
N GLY A 258 -36.81 -15.09 9.14
CA GLY A 258 -37.87 -16.08 9.13
C GLY A 258 -37.41 -17.47 9.52
N ILE A 259 -38.41 -18.34 9.71
CA ILE A 259 -38.26 -19.77 10.00
C ILE A 259 -37.42 -20.03 11.25
N GLN A 269 -41.91 -19.46 10.62
CA GLN A 269 -42.59 -18.40 9.89
C GLN A 269 -42.08 -17.03 10.33
N GLY A 270 -41.79 -16.15 9.37
CA GLY A 270 -41.29 -14.83 9.70
C GLY A 270 -42.13 -13.71 9.14
N ILE A 271 -41.82 -12.48 9.53
CA ILE A 271 -42.66 -11.33 9.16
C ILE A 271 -42.45 -10.98 7.68
N ASN A 272 -41.27 -11.31 7.13
CA ASN A 272 -41.00 -11.04 5.72
C ASN A 272 -41.85 -11.92 4.81
N GLU A 273 -42.12 -13.15 5.23
CA GLU A 273 -42.92 -14.05 4.41
C GLU A 273 -44.42 -13.79 4.62
N LEU A 274 -44.78 -13.24 5.80
CA LEU A 274 -46.18 -12.94 6.08
C LEU A 274 -46.70 -11.81 5.20
N ILE A 275 -45.91 -10.73 5.08
CA ILE A 275 -46.35 -9.57 4.31
C ILE A 275 -46.27 -9.87 2.82
N ASN A 276 -45.45 -10.84 2.43
CA ASN A 276 -45.36 -11.22 1.03
C ASN A 276 -46.53 -12.12 0.63
N SER A 277 -47.00 -12.95 1.57
CA SER A 277 -48.06 -13.89 1.25
C SER A 277 -49.44 -13.23 1.33
N HIS A 278 -49.63 -12.33 2.29
CA HIS A 278 -50.94 -11.74 2.53
C HIS A 278 -51.16 -10.44 1.77
N HIS A 279 -50.11 -9.69 1.46
CA HIS A 279 -50.27 -8.37 0.85
C HIS A 279 -49.67 -8.30 -0.54
N ASN A 280 -48.44 -8.82 -0.73
CA ASN A 280 -47.80 -8.82 -2.08
C ASN A 280 -48.38 -9.82 -3.10
N GLN A 281 -48.54 -11.12 -2.78
CA GLN A 281 -48.68 -12.20 -3.82
C GLN A 281 -50.00 -12.01 -4.60
N HIS A 282 -51.05 -11.83 -3.80
CA HIS A 282 -52.41 -11.39 -4.08
C HIS A 282 -52.42 -10.14 -4.94
N SER A 286 -49.81 -3.27 -8.66
CA SER A 286 -50.46 -2.01 -8.29
C SER A 286 -49.69 -1.31 -7.18
N GLU A 287 -49.49 -1.99 -6.05
CA GLU A 287 -48.68 -1.49 -4.95
C GLU A 287 -48.22 -2.68 -4.12
N ARG A 288 -46.91 -2.80 -3.93
CA ARG A 288 -46.31 -3.92 -3.23
C ARG A 288 -45.41 -3.39 -2.12
N ILE A 289 -45.57 -3.94 -0.91
CA ILE A 289 -44.85 -3.42 0.25
C ILE A 289 -43.39 -3.88 0.20
N ALA A 290 -42.51 -3.07 0.78
CA ALA A 290 -41.09 -3.38 0.84
C ALA A 290 -40.82 -4.45 1.89
N LYS A 291 -39.58 -4.95 1.90
CA LYS A 291 -39.14 -5.96 2.85
C LYS A 291 -38.04 -5.36 3.72
N LEU A 292 -37.92 -5.88 4.95
CA LEU A 292 -36.93 -5.36 5.87
C LEU A 292 -35.61 -6.11 5.73
N ARG A 293 -34.55 -5.47 6.20
CA ARG A 293 -33.19 -5.98 6.05
C ARG A 293 -32.63 -6.45 7.38
N PRO A 294 -32.02 -7.63 7.44
CA PRO A 294 -31.52 -8.14 8.71
C PRO A 294 -30.22 -7.45 9.12
N LEU A 295 -30.01 -7.33 10.42
CA LEU A 295 -28.88 -6.59 10.97
C LEU A 295 -27.60 -7.42 10.85
N HIS A 296 -26.49 -6.81 11.29
CA HIS A 296 -25.17 -7.41 11.20
C HIS A 296 -24.72 -7.92 12.55
N LYS A 297 -24.25 -9.17 12.58
CA LYS A 297 -23.62 -9.72 13.76
C LYS A 297 -22.29 -9.01 14.02
N GLN A 298 -22.03 -8.73 15.30
CA GLN A 298 -20.90 -7.92 15.70
C GLN A 298 -19.81 -8.80 16.32
N ILE A 299 -18.79 -9.09 15.50
CA ILE A 299 -17.60 -9.89 15.84
C ILE A 299 -17.93 -11.27 16.46
N SER A 311 -8.21 -17.51 6.57
CA SER A 311 -7.82 -18.86 6.96
C SER A 311 -6.59 -19.30 6.18
N LYS A 312 -6.17 -20.55 6.39
CA LYS A 312 -5.00 -21.07 5.69
C LYS A 312 -5.38 -21.68 4.35
N PHE A 313 -6.35 -22.61 4.36
CA PHE A 313 -6.78 -23.42 3.21
C PHE A 313 -5.60 -24.16 2.59
N ALA A 314 -4.84 -24.86 3.44
CA ALA A 314 -3.59 -25.46 3.02
C ALA A 314 -3.81 -26.74 2.23
N ASP A 315 -4.63 -27.66 2.76
CA ASP A 315 -4.77 -28.97 2.16
C ASP A 315 -5.63 -28.92 0.90
N ASP A 316 -5.38 -29.87 -0.01
CA ASP A 316 -6.16 -29.97 -1.23
C ASP A 316 -7.56 -30.52 -0.95
N SER A 317 -7.74 -31.20 0.19
CA SER A 317 -9.04 -31.77 0.53
C SER A 317 -10.03 -30.67 0.92
N GLU A 318 -9.53 -29.56 1.48
CA GLU A 318 -10.42 -28.52 1.98
C GLU A 318 -11.06 -27.74 0.82
N VAL A 319 -10.25 -27.24 -0.10
CA VAL A 319 -10.77 -26.30 -1.10
C VAL A 319 -11.52 -27.05 -2.18
N CYS A 320 -11.36 -28.37 -2.25
CA CYS A 320 -12.22 -29.16 -3.13
C CYS A 320 -13.55 -29.46 -2.45
N GLN A 321 -13.56 -29.52 -1.12
CA GLN A 321 -14.80 -29.66 -0.38
C GLN A 321 -15.43 -28.29 -0.11
N ALA A 322 -14.63 -27.23 -0.12
CA ALA A 322 -15.17 -25.88 0.05
C ALA A 322 -16.00 -25.48 -1.16
N VAL A 323 -15.42 -25.59 -2.36
CA VAL A 323 -16.11 -25.17 -3.57
C VAL A 323 -17.03 -26.31 -4.08
N ASN A 324 -17.26 -27.34 -3.27
CA ASN A 324 -18.28 -28.33 -3.61
C ASN A 324 -19.63 -27.93 -3.01
N GLU A 325 -19.63 -27.25 -1.85
CA GLU A 325 -20.91 -26.83 -1.27
C GLU A 325 -20.98 -25.38 -0.80
N PHE A 326 -19.87 -24.69 -0.53
CA PHE A 326 -19.97 -23.33 -0.04
C PHE A 326 -20.29 -22.35 -1.17
N TYR A 327 -19.97 -22.72 -2.40
CA TYR A 327 -20.27 -21.84 -3.53
C TYR A 327 -21.24 -22.46 -4.53
N ARG A 328 -21.49 -23.76 -4.46
CA ARG A 328 -22.34 -24.39 -5.48
C ARG A 328 -23.80 -24.11 -5.16
N HIS A 329 -24.72 -24.81 -5.84
CA HIS A 329 -26.11 -24.36 -5.87
C HIS A 329 -26.84 -24.69 -4.56
N TYR A 330 -26.15 -25.32 -3.61
CA TYR A 330 -26.70 -25.55 -2.28
C TYR A 330 -26.77 -24.25 -1.48
N ALA A 331 -25.64 -23.53 -1.39
CA ALA A 331 -25.55 -22.42 -0.44
C ALA A 331 -25.87 -21.08 -1.08
N ASP A 332 -25.18 -20.73 -2.17
CA ASP A 332 -25.36 -19.44 -2.82
C ASP A 332 -26.34 -19.57 -3.97
N VAL A 333 -27.32 -18.68 -4.00
CA VAL A 333 -28.42 -18.74 -4.95
C VAL A 333 -28.30 -17.55 -5.91
N PHE A 334 -28.01 -17.85 -7.16
CA PHE A 334 -28.09 -16.89 -8.25
C PHE A 334 -29.44 -16.92 -8.96
N ALA A 335 -30.38 -17.72 -8.45
CA ALA A 335 -31.73 -17.68 -8.99
C ALA A 335 -32.49 -16.47 -8.46
N LYS A 336 -32.00 -15.87 -7.38
CA LYS A 336 -32.68 -14.71 -6.81
C LYS A 336 -32.33 -13.43 -7.55
N VAL A 337 -31.07 -13.32 -8.01
CA VAL A 337 -30.70 -12.21 -8.91
C VAL A 337 -31.23 -12.46 -10.31
N GLN A 338 -31.60 -13.72 -10.61
CA GLN A 338 -32.18 -14.04 -11.91
C GLN A 338 -33.55 -13.40 -12.08
N SER A 339 -34.49 -13.71 -11.17
CA SER A 339 -35.86 -13.25 -11.35
C SER A 339 -36.02 -11.79 -10.96
N LEU A 340 -35.13 -11.27 -10.12
CA LEU A 340 -35.19 -9.86 -9.73
C LEU A 340 -34.74 -8.96 -10.87
N PHE A 341 -33.66 -9.34 -11.56
CA PHE A 341 -33.15 -8.49 -12.64
C PHE A 341 -33.88 -8.76 -13.95
N ASP A 342 -34.65 -9.84 -14.03
CA ASP A 342 -35.49 -10.05 -15.21
C ASP A 342 -36.63 -9.06 -15.27
N GLY A 343 -37.14 -8.63 -14.11
CA GLY A 343 -38.20 -7.65 -14.05
C GLY A 343 -37.72 -6.30 -13.56
N PHE A 344 -36.54 -5.87 -14.05
CA PHE A 344 -35.96 -4.61 -13.61
C PHE A 344 -36.73 -3.42 -14.17
N ASP A 345 -37.45 -3.60 -15.27
CA ASP A 345 -38.15 -2.48 -15.92
C ASP A 345 -39.39 -2.09 -15.14
N ASP A 346 -39.95 -3.01 -14.35
CA ASP A 346 -41.21 -2.74 -13.66
C ASP A 346 -41.00 -1.79 -12.49
N TYR A 347 -39.87 -1.91 -11.79
CA TYR A 347 -39.55 -0.97 -10.72
C TYR A 347 -39.24 0.40 -11.31
N GLN A 348 -39.50 1.44 -10.52
CA GLN A 348 -39.27 2.80 -10.97
C GLN A 348 -37.77 3.08 -11.05
N LYS A 349 -37.35 3.66 -12.18
CA LYS A 349 -35.95 4.01 -12.35
C LYS A 349 -35.59 5.33 -11.72
N ASP A 350 -36.57 6.05 -11.15
CA ASP A 350 -36.25 7.19 -10.31
C ASP A 350 -35.70 6.73 -8.96
N GLY A 351 -36.26 5.64 -8.43
CA GLY A 351 -35.87 5.20 -7.09
C GLY A 351 -34.64 4.31 -7.10
N ILE A 352 -34.16 3.93 -8.28
CA ILE A 352 -32.94 3.13 -8.37
C ILE A 352 -31.74 4.06 -8.48
N TYR A 353 -30.78 3.90 -7.59
CA TYR A 353 -29.73 4.89 -7.37
C TYR A 353 -28.37 4.31 -7.73
N VAL A 354 -27.49 5.17 -8.27
CA VAL A 354 -26.16 4.78 -8.70
C VAL A 354 -25.15 5.74 -8.07
N GLU A 355 -24.17 5.20 -7.36
CA GLU A 355 -23.17 6.02 -6.69
C GLU A 355 -22.15 6.52 -7.71
N TYR A 356 -21.44 7.60 -7.35
CA TYR A 356 -20.45 8.20 -8.25
C TYR A 356 -19.24 7.28 -8.46
N LYS A 357 -18.91 6.45 -7.48
CA LYS A 357 -17.72 5.60 -7.57
C LYS A 357 -17.86 4.56 -8.68
N ASN A 358 -19.09 4.15 -8.99
CA ASN A 358 -19.34 3.17 -10.03
C ASN A 358 -19.95 3.75 -11.29
N LEU A 359 -19.76 5.05 -11.56
CA LEU A 359 -20.19 5.61 -12.84
C LEU A 359 -19.33 5.10 -13.98
N ASN A 360 -18.01 5.15 -13.79
CA ASN A 360 -17.08 4.81 -14.87
C ASN A 360 -17.09 3.33 -15.16
N GLU A 361 -17.23 2.50 -14.13
CA GLU A 361 -17.30 1.06 -14.33
C GLU A 361 -18.63 0.66 -14.97
N LEU A 362 -19.68 1.44 -14.74
CA LEU A 362 -20.94 1.21 -15.43
C LEU A 362 -20.82 1.59 -16.90
N SER A 363 -20.06 2.64 -17.20
CA SER A 363 -19.98 3.14 -18.57
C SER A 363 -18.99 2.33 -19.41
N LYS A 364 -18.13 1.55 -18.76
CA LYS A 364 -17.20 0.72 -19.52
C LYS A 364 -17.80 -0.65 -19.82
N GLN A 365 -18.50 -1.24 -18.85
CA GLN A 365 -19.09 -2.56 -19.03
C GLN A 365 -20.26 -2.51 -20.02
N ALA A 366 -21.06 -1.45 -19.96
CA ALA A 366 -22.12 -1.23 -20.91
C ALA A 366 -22.15 0.24 -21.28
N PHE A 367 -22.80 0.55 -22.40
CA PHE A 367 -23.09 1.90 -22.89
C PHE A 367 -21.81 2.69 -23.22
N GLY A 368 -20.72 2.04 -23.64
CA GLY A 368 -19.65 2.79 -24.28
C GLY A 368 -18.26 2.70 -23.69
N ASP A 369 -17.66 3.85 -23.44
CA ASP A 369 -16.28 3.96 -22.98
C ASP A 369 -16.20 4.40 -21.52
N PHE A 370 -14.97 4.52 -21.03
CA PHE A 370 -14.72 4.79 -19.63
C PHE A 370 -15.05 6.22 -19.24
N ALA A 371 -15.28 7.11 -20.20
CA ALA A 371 -15.46 8.53 -19.93
C ALA A 371 -16.70 9.12 -20.58
N LEU A 372 -17.73 8.31 -20.86
CA LEU A 372 -18.93 8.85 -21.48
C LEU A 372 -19.85 9.49 -20.45
N LEU A 373 -20.06 8.80 -19.32
CA LEU A 373 -21.00 9.31 -18.32
C LEU A 373 -20.40 10.48 -17.53
N GLY A 374 -19.08 10.55 -17.45
CA GLY A 374 -18.45 11.76 -16.93
C GLY A 374 -18.60 12.92 -17.88
N ARG A 375 -18.65 12.63 -19.18
CA ARG A 375 -18.86 13.67 -20.18
C ARG A 375 -20.32 14.11 -20.20
N VAL A 376 -21.24 13.16 -20.06
CA VAL A 376 -22.67 13.46 -20.16
C VAL A 376 -23.16 14.22 -18.94
N LEU A 377 -22.76 13.78 -17.74
CA LEU A 377 -23.26 14.40 -16.51
C LEU A 377 -22.72 15.82 -16.33
N ASP A 378 -21.43 16.03 -16.62
CA ASP A 378 -20.91 17.38 -16.60
C ASP A 378 -21.38 18.18 -17.81
N GLY A 379 -21.83 17.49 -18.86
CA GLY A 379 -22.34 18.20 -20.03
C GLY A 379 -23.69 18.84 -19.80
N TYR A 380 -24.51 18.24 -18.93
CA TYR A 380 -25.84 18.77 -18.64
C TYR A 380 -25.96 19.34 -17.24
N TYR A 381 -24.85 19.63 -16.58
CA TYR A 381 -24.85 20.33 -15.29
C TYR A 381 -24.04 21.61 -15.33
N VAL A 382 -23.25 21.84 -16.38
CA VAL A 382 -22.39 23.01 -16.47
C VAL A 382 -23.13 24.21 -17.07
N ASP A 383 -24.38 24.01 -17.47
CA ASP A 383 -25.18 25.08 -18.06
C ASP A 383 -25.76 26.03 -17.02
N VAL A 384 -25.62 25.71 -15.73
CA VAL A 384 -26.11 26.56 -14.64
C VAL A 384 -24.99 27.38 -14.00
N VAL A 385 -23.76 27.26 -14.49
CA VAL A 385 -22.62 28.00 -13.97
C VAL A 385 -21.99 28.79 -15.11
N ASN A 386 -21.64 30.04 -14.84
CA ASN A 386 -21.00 30.90 -15.82
C ASN A 386 -19.71 31.45 -15.23
N PRO A 387 -18.54 31.08 -15.76
CA PRO A 387 -17.28 31.64 -15.23
C PRO A 387 -17.04 33.07 -15.72
N GLU A 388 -17.20 34.04 -14.82
CA GLU A 388 -17.17 35.44 -15.20
C GLU A 388 -15.95 36.17 -14.61
N PHE A 389 -15.76 36.10 -13.29
CA PHE A 389 -14.72 36.92 -12.66
C PHE A 389 -13.36 36.25 -12.72
N ASN A 390 -13.34 34.91 -12.74
CA ASN A 390 -12.12 34.07 -12.73
C ASN A 390 -11.15 34.41 -11.59
N ALA A 420 -11.09 32.45 -4.82
CA ALA A 420 -10.79 32.91 -6.17
C ALA A 420 -11.91 32.54 -7.13
N SER A 421 -12.00 31.25 -7.45
CA SER A 421 -13.04 30.77 -8.36
C SER A 421 -14.39 30.68 -7.65
N LEU A 422 -14.49 29.80 -6.64
CA LEU A 422 -15.60 29.65 -5.70
C LEU A 422 -16.91 29.15 -6.32
N GLU A 423 -16.95 28.98 -7.65
CA GLU A 423 -18.11 28.39 -8.30
C GLU A 423 -17.79 27.03 -8.89
N GLN A 424 -16.54 26.85 -9.34
CA GLN A 424 -16.14 25.60 -9.96
C GLN A 424 -15.88 24.52 -8.92
N ALA A 425 -15.82 24.90 -7.64
CA ALA A 425 -15.69 23.91 -6.57
C ALA A 425 -17.03 23.28 -6.24
N ILE A 426 -18.01 24.09 -5.87
CA ILE A 426 -19.30 23.60 -5.37
C ILE A 426 -20.11 22.92 -6.47
N GLU A 427 -19.89 23.29 -7.73
CA GLU A 427 -20.63 22.67 -8.82
C GLU A 427 -20.09 21.27 -9.12
N HIS A 428 -18.81 21.04 -8.82
CA HIS A 428 -18.17 19.80 -9.25
C HIS A 428 -18.60 18.61 -8.41
N TYR A 429 -18.30 18.64 -7.10
CA TYR A 429 -18.44 17.43 -6.30
C TYR A 429 -19.88 17.17 -5.89
N THR A 430 -20.74 18.19 -5.98
CA THR A 430 -22.12 18.02 -5.56
C THR A 430 -23.02 17.41 -6.61
N ALA A 431 -23.08 18.00 -7.82
CA ALA A 431 -24.10 17.59 -8.78
C ALA A 431 -23.61 16.50 -9.73
N ARG A 432 -22.40 15.96 -9.53
CA ARG A 432 -21.81 15.06 -10.52
C ARG A 432 -22.52 13.72 -10.57
N HIS A 433 -23.01 13.24 -9.43
CA HIS A 433 -23.77 12.01 -9.38
C HIS A 433 -25.25 12.29 -9.57
N ASP A 434 -25.82 11.77 -10.65
CA ASP A 434 -27.26 11.94 -10.89
C ASP A 434 -28.08 11.10 -9.92
N ASP A 435 -27.52 9.96 -9.51
CA ASP A 435 -28.11 8.97 -8.60
C ASP A 435 -29.45 8.44 -9.08
N GLU A 436 -29.69 8.42 -10.39
CA GLU A 436 -30.82 7.69 -10.95
C GLU A 436 -30.31 6.86 -12.10
N SER A 437 -31.15 5.94 -12.58
CA SER A 437 -30.88 5.28 -13.84
C SER A 437 -31.12 6.34 -14.92
N VAL A 438 -30.03 6.78 -15.54
CA VAL A 438 -30.00 8.03 -16.28
C VAL A 438 -30.79 7.88 -17.59
N GLN A 439 -31.25 9.00 -18.12
CA GLN A 439 -32.00 9.01 -19.37
C GLN A 439 -31.09 9.00 -20.60
N ALA A 440 -29.79 8.69 -20.40
CA ALA A 440 -28.73 8.59 -21.39
C ALA A 440 -28.44 9.93 -22.06
N GLY A 441 -28.89 11.02 -21.46
CA GLY A 441 -28.76 12.35 -22.02
C GLY A 441 -29.78 12.60 -23.12
N LYS A 442 -30.20 13.87 -23.23
CA LYS A 442 -31.00 14.27 -24.38
C LYS A 442 -30.15 14.25 -25.65
N LEU A 443 -29.01 14.97 -25.63
CA LEU A 443 -27.99 15.05 -26.70
C LEU A 443 -28.60 15.38 -28.07
N GLY A 444 -29.56 16.31 -28.08
CA GLY A 444 -30.19 16.76 -29.30
C GLY A 444 -29.32 17.56 -30.24
N GLN A 445 -28.11 17.91 -29.80
CA GLN A 445 -27.11 18.58 -30.65
C GLN A 445 -26.22 17.60 -31.39
N TYR A 446 -26.65 16.33 -31.51
CA TYR A 446 -25.92 15.22 -32.14
C TYR A 446 -24.56 14.99 -31.48
N PHE A 447 -24.61 14.56 -30.22
CA PHE A 447 -23.41 14.03 -29.54
C PHE A 447 -23.54 12.51 -29.47
N LYS A 448 -23.11 11.87 -30.57
CA LYS A 448 -22.92 10.42 -30.72
C LYS A 448 -24.17 9.61 -30.34
N HIS A 449 -25.21 9.80 -31.15
CA HIS A 449 -26.54 9.29 -30.83
C HIS A 449 -26.56 7.76 -30.82
N GLY A 450 -27.25 7.21 -29.80
CA GLY A 450 -27.32 5.78 -29.62
C GLY A 450 -28.55 5.38 -28.81
N LEU A 451 -28.69 4.08 -28.61
CA LEU A 451 -29.86 3.53 -27.93
C LEU A 451 -29.73 3.69 -26.41
N ALA A 452 -30.64 3.03 -25.69
CA ALA A 452 -30.79 3.27 -24.26
C ALA A 452 -29.71 2.56 -23.44
N GLY A 453 -29.23 3.23 -22.41
CA GLY A 453 -28.38 2.66 -21.40
C GLY A 453 -29.09 2.31 -20.11
N VAL A 454 -30.40 2.09 -20.16
CA VAL A 454 -31.17 1.75 -18.97
C VAL A 454 -31.69 0.31 -19.01
N ASP A 455 -31.82 -0.29 -20.20
CA ASP A 455 -32.28 -1.67 -20.32
C ASP A 455 -31.15 -2.68 -20.22
N ASN A 456 -29.95 -2.25 -19.85
CA ASN A 456 -28.84 -3.18 -19.73
C ASN A 456 -28.86 -4.03 -18.45
N PRO A 457 -29.26 -3.55 -17.26
CA PRO A 457 -29.47 -4.51 -16.15
C PRO A 457 -30.61 -5.49 -16.38
N ILE A 458 -31.55 -5.17 -17.27
CA ILE A 458 -32.46 -6.19 -17.79
C ILE A 458 -31.68 -7.21 -18.61
N GLN A 459 -30.79 -6.71 -19.48
CA GLN A 459 -30.28 -7.53 -20.57
C GLN A 459 -29.10 -8.43 -20.17
N LYS A 460 -28.45 -8.18 -19.04
CA LYS A 460 -27.24 -8.93 -18.69
C LYS A 460 -27.57 -10.38 -18.35
N ILE A 461 -28.58 -10.60 -17.51
CA ILE A 461 -29.07 -11.95 -17.25
C ILE A 461 -29.87 -12.48 -18.44
N HIS A 462 -30.42 -11.60 -19.28
CA HIS A 462 -31.16 -11.99 -20.48
C HIS A 462 -30.28 -12.13 -21.71
N ASN A 463 -28.95 -12.14 -21.53
CA ASN A 463 -28.01 -12.32 -22.62
C ASN A 463 -27.65 -13.78 -22.85
N ASN A 464 -28.60 -14.59 -23.37
CA ASN A 464 -28.41 -16.00 -23.71
C ASN A 464 -27.95 -16.81 -22.50
N HIS A 465 -28.88 -17.04 -21.56
CA HIS A 465 -28.57 -17.46 -20.18
C HIS A 465 -27.73 -18.73 -20.08
N SER A 466 -27.66 -19.52 -21.16
CA SER A 466 -26.64 -20.56 -21.27
C SER A 466 -25.24 -19.95 -21.22
N THR A 467 -25.02 -18.88 -22.01
CA THR A 467 -23.69 -18.27 -22.09
C THR A 467 -23.37 -17.45 -20.85
N ILE A 468 -24.28 -16.55 -20.47
CA ILE A 468 -23.95 -15.53 -19.47
C ILE A 468 -24.02 -16.11 -18.06
N LYS A 469 -24.83 -17.14 -17.85
CA LYS A 469 -24.81 -17.92 -16.61
C LYS A 469 -24.16 -19.26 -16.96
N GLY A 470 -22.83 -19.30 -16.86
CA GLY A 470 -22.05 -20.45 -17.30
C GLY A 470 -21.86 -21.51 -16.26
N PHE A 471 -22.44 -21.36 -15.06
CA PHE A 471 -22.34 -22.40 -14.05
C PHE A 471 -23.14 -23.63 -14.44
N LEU A 472 -24.16 -23.46 -15.29
CA LEU A 472 -25.04 -24.56 -15.66
C LEU A 472 -24.32 -25.60 -16.51
N GLU A 473 -23.49 -25.16 -17.45
CA GLU A 473 -22.66 -26.08 -18.22
C GLU A 473 -21.32 -26.36 -17.58
N ARG A 474 -21.05 -25.78 -16.41
CA ARG A 474 -19.87 -26.10 -15.62
C ARG A 474 -20.21 -26.86 -14.35
N GLU A 475 -21.35 -27.56 -14.34
CA GLU A 475 -21.71 -28.46 -13.26
C GLU A 475 -21.48 -29.92 -13.60
N ARG A 476 -21.06 -30.22 -14.84
CA ARG A 476 -20.87 -31.61 -15.25
C ARG A 476 -19.55 -32.21 -14.77
N PRO A 477 -18.35 -31.57 -14.99
CA PRO A 477 -17.18 -32.22 -14.35
C PRO A 477 -17.05 -31.87 -12.87
N ALA A 478 -17.83 -32.56 -12.04
CA ALA A 478 -17.85 -32.35 -10.61
C ALA A 478 -17.62 -33.67 -9.89
N GLY A 479 -17.34 -33.58 -8.60
CA GLY A 479 -17.15 -34.74 -7.75
C GLY A 479 -16.08 -34.54 -6.70
N GLU A 480 -16.19 -35.30 -5.60
CA GLU A 480 -15.23 -35.26 -4.51
C GLU A 480 -14.70 -36.68 -4.28
N ARG A 481 -13.67 -37.05 -5.03
CA ARG A 481 -13.02 -38.34 -4.80
C ARG A 481 -12.13 -38.27 -3.58
N ALA A 482 -11.77 -39.44 -3.05
CA ALA A 482 -10.91 -39.50 -1.87
C ALA A 482 -9.50 -39.07 -2.20
N LEU A 483 -9.12 -37.88 -1.74
CA LEU A 483 -7.83 -37.33 -2.11
C LEU A 483 -7.20 -36.56 -0.94
N PRO A 484 -5.99 -36.92 -0.52
CA PRO A 484 -5.30 -36.12 0.51
C PRO A 484 -4.68 -34.84 -0.04
N LYS A 485 -4.02 -34.94 -1.20
CA LYS A 485 -3.20 -33.86 -1.73
C LYS A 485 -2.89 -34.16 -3.20
N ILE A 486 -2.84 -33.10 -4.00
CA ILE A 486 -2.35 -33.19 -5.37
C ILE A 486 -1.51 -31.93 -5.64
N LYS A 487 -0.65 -31.99 -6.65
CA LYS A 487 0.20 -30.88 -7.02
C LYS A 487 -0.39 -30.19 -8.25
N SER A 488 -0.34 -28.86 -8.27
CA SER A 488 -0.95 -28.09 -9.35
C SER A 488 -0.21 -28.29 -10.66
N ASP A 489 -0.96 -28.45 -11.73
CA ASP A 489 -0.44 -28.62 -13.08
C ASP A 489 -0.73 -27.36 -13.88
N LYS A 490 -0.07 -27.23 -15.03
CA LYS A 490 -0.26 -26.06 -15.88
C LYS A 490 -1.67 -26.04 -16.49
N SER A 491 -2.15 -27.19 -16.98
CA SER A 491 -3.51 -27.30 -17.51
C SER A 491 -4.10 -28.69 -17.25
N PRO A 492 -4.59 -28.95 -16.04
CA PRO A 492 -5.49 -30.10 -15.83
C PRO A 492 -6.94 -29.66 -16.06
N GLU A 493 -7.91 -30.51 -15.74
CA GLU A 493 -9.31 -30.05 -15.77
C GLU A 493 -9.70 -29.28 -14.51
N ILE A 494 -8.89 -28.28 -14.15
CA ILE A 494 -9.20 -27.33 -13.09
C ILE A 494 -9.22 -25.90 -13.64
N ARG A 495 -8.83 -25.72 -14.90
CA ARG A 495 -9.01 -24.45 -15.60
C ARG A 495 -10.48 -24.08 -15.70
N GLN A 496 -11.36 -25.09 -15.82
CA GLN A 496 -12.79 -24.81 -15.82
C GLN A 496 -13.27 -24.39 -14.44
N LEU A 497 -12.53 -24.73 -13.39
CA LEU A 497 -12.92 -24.32 -12.04
C LEU A 497 -12.58 -22.86 -11.79
N LYS A 498 -11.50 -22.36 -12.38
CA LYS A 498 -11.17 -20.95 -12.20
C LYS A 498 -11.99 -20.07 -13.12
N GLU A 499 -12.48 -20.65 -14.23
CA GLU A 499 -13.38 -19.91 -15.11
C GLU A 499 -14.81 -19.97 -14.59
N LEU A 500 -15.13 -20.98 -13.78
CA LEU A 500 -16.36 -20.95 -13.00
C LEU A 500 -16.32 -19.80 -12.02
N LEU A 501 -15.18 -19.61 -11.36
CA LEU A 501 -15.05 -18.51 -10.41
C LEU A 501 -14.68 -17.20 -11.10
N ASP A 502 -14.40 -17.23 -12.40
CA ASP A 502 -14.20 -15.98 -13.14
C ASP A 502 -15.52 -15.26 -13.35
N ASN A 503 -16.58 -16.02 -13.69
CA ASN A 503 -17.91 -15.44 -13.81
C ASN A 503 -18.51 -15.14 -12.45
N ALA A 504 -17.92 -15.68 -11.38
CA ALA A 504 -18.39 -15.41 -10.03
C ALA A 504 -18.19 -13.95 -9.65
N LEU A 505 -16.99 -13.44 -9.88
CA LEU A 505 -16.70 -12.05 -9.55
C LEU A 505 -17.34 -11.10 -10.55
N ASN A 506 -17.72 -11.59 -11.73
CA ASN A 506 -18.38 -10.74 -12.72
C ASN A 506 -19.83 -10.45 -12.31
N VAL A 507 -20.51 -11.45 -11.73
CA VAL A 507 -21.85 -11.23 -11.20
C VAL A 507 -21.80 -10.34 -9.96
N ALA A 508 -20.71 -10.46 -9.19
CA ALA A 508 -20.52 -9.60 -8.02
C ALA A 508 -20.28 -8.15 -8.44
N HIS A 509 -19.69 -7.94 -9.62
CA HIS A 509 -19.52 -6.58 -10.13
C HIS A 509 -20.80 -6.06 -10.77
N PHE A 510 -21.59 -6.95 -11.37
CA PHE A 510 -22.84 -6.56 -12.02
C PHE A 510 -23.85 -6.01 -11.02
N ALA A 511 -23.80 -6.47 -9.77
CA ALA A 511 -24.61 -5.92 -8.71
C ALA A 511 -23.88 -4.85 -7.91
N LYS A 512 -22.60 -4.62 -8.17
CA LYS A 512 -21.81 -3.64 -7.44
C LYS A 512 -22.02 -2.22 -7.96
N LEU A 513 -22.65 -2.06 -9.13
CA LEU A 513 -22.95 -0.73 -9.67
C LEU A 513 -23.93 0.00 -8.76
N LEU A 514 -24.85 -0.75 -8.17
CA LEU A 514 -25.80 -0.20 -7.19
C LEU A 514 -25.27 -0.44 -5.78
N THR A 515 -24.08 0.12 -5.53
CA THR A 515 -23.47 0.01 -4.19
C THR A 515 -24.29 0.80 -3.18
N THR A 516 -24.39 2.12 -3.39
CA THR A 516 -25.41 3.05 -2.87
C THR A 516 -25.61 2.92 -1.35
N LYS A 517 -24.56 3.31 -0.62
CA LYS A 517 -24.58 3.26 0.84
C LYS A 517 -25.46 4.36 1.45
N THR A 518 -26.74 4.34 1.11
CA THR A 518 -27.73 5.35 1.45
C THR A 518 -28.81 4.70 2.31
N THR A 519 -29.44 5.41 3.28
CA THR A 519 -29.45 6.83 3.76
C THR A 519 -29.87 7.87 2.71
N LEU A 520 -30.85 7.52 1.87
CA LEU A 520 -31.52 8.48 1.00
C LEU A 520 -33.02 8.20 1.02
N HIS A 521 -33.82 9.24 0.81
CA HIS A 521 -35.23 9.19 1.18
C HIS A 521 -36.07 8.42 0.16
N ASN A 522 -36.15 8.92 -1.07
CA ASN A 522 -37.11 8.41 -2.04
C ASN A 522 -36.59 7.24 -2.87
N GLN A 523 -35.55 6.54 -2.41
CA GLN A 523 -35.04 5.40 -3.14
C GLN A 523 -36.05 4.26 -3.13
N ASP A 524 -36.01 3.43 -4.16
CA ASP A 524 -37.03 2.41 -4.35
C ASP A 524 -36.88 1.30 -3.33
N GLY A 525 -37.74 1.34 -2.30
CA GLY A 525 -37.65 0.35 -1.24
C GLY A 525 -38.09 -1.03 -1.66
N ASN A 526 -38.83 -1.13 -2.76
CA ASN A 526 -39.23 -2.42 -3.30
C ASN A 526 -38.04 -3.15 -3.91
N PHE A 527 -37.21 -2.43 -4.66
CA PHE A 527 -36.00 -3.01 -5.23
C PHE A 527 -34.94 -3.23 -4.16
N TYR A 528 -34.67 -2.20 -3.36
CA TYR A 528 -33.56 -2.26 -2.40
C TYR A 528 -33.88 -3.14 -1.20
N GLY A 529 -35.17 -3.37 -0.93
CA GLY A 529 -35.54 -4.21 0.19
C GLY A 529 -35.14 -5.66 -0.01
N GLU A 530 -35.28 -6.17 -1.23
CA GLU A 530 -34.76 -7.49 -1.53
C GLU A 530 -33.26 -7.43 -1.83
N PHE A 531 -32.77 -6.29 -2.31
CA PHE A 531 -31.37 -6.18 -2.69
C PHE A 531 -30.46 -6.05 -1.48
N GLY A 532 -31.03 -5.70 -0.32
CA GLY A 532 -30.20 -5.56 0.88
C GLY A 532 -29.74 -6.89 1.43
N ALA A 533 -30.62 -7.89 1.43
CA ALA A 533 -30.25 -9.23 1.88
C ALA A 533 -29.52 -9.99 0.78
N LEU A 534 -29.66 -9.53 -0.47
CA LEU A 534 -29.13 -10.28 -1.60
C LEU A 534 -27.68 -9.89 -1.90
N TYR A 535 -27.37 -8.60 -1.83
CA TYR A 535 -26.01 -8.16 -2.16
C TYR A 535 -25.05 -8.49 -1.02
N ASP A 536 -25.51 -8.43 0.23
CA ASP A 536 -24.66 -8.77 1.37
C ASP A 536 -24.34 -10.26 1.38
N GLU A 537 -25.22 -11.08 0.82
CA GLU A 537 -24.88 -12.46 0.55
C GLU A 537 -23.90 -12.56 -0.61
N LEU A 538 -24.04 -11.70 -1.61
CA LEU A 538 -23.28 -11.79 -2.85
C LEU A 538 -21.92 -11.08 -2.76
N ALA A 539 -21.68 -10.30 -1.73
CA ALA A 539 -20.42 -9.57 -1.59
C ALA A 539 -19.30 -10.41 -0.96
N LYS A 540 -19.58 -11.66 -0.61
CA LYS A 540 -18.57 -12.54 -0.03
C LYS A 540 -17.92 -13.43 -1.07
N ILE A 541 -18.01 -13.07 -2.36
CA ILE A 541 -17.31 -13.81 -3.41
C ILE A 541 -15.87 -13.35 -3.49
N ALA A 542 -15.64 -12.06 -3.25
CA ALA A 542 -14.29 -11.48 -3.35
C ALA A 542 -13.35 -12.09 -2.32
N THR A 543 -13.86 -12.43 -1.14
CA THR A 543 -13.03 -13.10 -0.16
C THR A 543 -12.76 -14.54 -0.54
N LEU A 544 -13.74 -15.21 -1.16
CA LEU A 544 -13.56 -16.61 -1.52
C LEU A 544 -12.65 -16.75 -2.74
N TYR A 545 -12.75 -15.82 -3.70
CA TYR A 545 -11.96 -15.92 -4.92
C TYR A 545 -10.50 -15.57 -4.66
N ASN A 546 -10.25 -14.67 -3.70
CA ASN A 546 -8.88 -14.28 -3.38
C ASN A 546 -8.16 -15.40 -2.64
N LYS A 547 -8.90 -16.30 -2.00
CA LYS A 547 -8.27 -17.40 -1.28
C LYS A 547 -7.92 -18.56 -2.21
N VAL A 548 -8.73 -18.77 -3.24
CA VAL A 548 -8.41 -19.79 -4.24
C VAL A 548 -7.36 -19.24 -5.20
N ARG A 549 -7.24 -17.91 -5.28
CA ARG A 549 -6.07 -17.29 -5.89
C ARG A 549 -4.81 -17.66 -5.13
N ASP A 550 -4.87 -17.61 -3.79
CA ASP A 550 -3.68 -17.83 -2.98
C ASP A 550 -3.29 -19.30 -2.94
N TYR A 551 -4.26 -20.20 -3.03
CA TYR A 551 -3.94 -21.62 -2.92
C TYR A 551 -3.48 -22.19 -4.25
N LEU A 552 -4.23 -21.93 -5.33
CA LEU A 552 -3.94 -22.59 -6.60
C LEU A 552 -2.71 -22.00 -7.27
N SER A 553 -2.37 -20.75 -6.94
CA SER A 553 -1.13 -20.14 -7.44
C SER A 553 -0.05 -20.22 -6.36
N GLN A 554 0.30 -21.44 -5.99
CA GLN A 554 1.23 -21.68 -4.90
C GLN A 554 2.61 -22.03 -5.46
N LYS A 555 3.63 -21.77 -4.65
CA LYS A 555 4.96 -22.29 -4.92
C LYS A 555 5.05 -23.71 -4.37
N PRO A 556 5.94 -24.55 -4.92
CA PRO A 556 6.03 -25.94 -4.42
C PRO A 556 6.54 -26.06 -3.00
N PHE A 557 7.28 -25.06 -2.51
CA PHE A 557 7.78 -25.08 -1.15
C PHE A 557 6.80 -24.40 -0.20
N SER A 558 7.12 -24.44 1.09
CA SER A 558 6.34 -23.75 2.11
C SER A 558 7.27 -22.96 3.02
N THR A 559 6.76 -21.83 3.51
CA THR A 559 7.56 -20.87 4.27
C THR A 559 7.08 -20.72 5.71
N GLU A 560 6.67 -21.81 6.35
CA GLU A 560 6.15 -21.77 7.72
C GLU A 560 7.24 -22.20 8.68
N LYS A 561 7.64 -21.29 9.58
CA LYS A 561 8.69 -21.52 10.54
C LYS A 561 8.19 -21.15 11.93
N TYR A 562 8.51 -21.99 12.91
CA TYR A 562 8.07 -21.79 14.29
C TYR A 562 9.24 -21.39 15.17
N LYS A 563 9.00 -20.46 16.08
CA LYS A 563 10.05 -19.91 16.93
C LYS A 563 10.47 -20.92 17.99
N LEU A 564 11.77 -21.18 18.06
CA LEU A 564 12.36 -22.08 19.06
C LEU A 564 12.75 -21.26 20.27
N ASN A 565 12.19 -21.61 21.43
CA ASN A 565 12.53 -20.93 22.67
C ASN A 565 13.46 -21.74 23.57
N PHE A 566 13.76 -22.99 23.20
CA PHE A 566 14.72 -23.87 23.88
C PHE A 566 14.38 -24.10 25.35
N GLY A 567 13.09 -24.07 25.68
CA GLY A 567 12.65 -24.16 27.06
C GLY A 567 12.87 -22.92 27.88
N ASN A 568 13.26 -21.80 27.27
CA ASN A 568 13.54 -20.56 27.95
C ASN A 568 12.56 -19.49 27.48
N PRO A 569 11.80 -18.87 28.38
CA PRO A 569 10.89 -17.80 27.94
C PRO A 569 11.62 -16.53 27.54
N THR A 570 12.73 -16.23 28.19
CA THR A 570 13.51 -15.02 27.92
C THR A 570 14.77 -15.31 27.11
N LEU A 571 14.68 -16.22 26.15
CA LEU A 571 15.82 -16.57 25.30
C LEU A 571 16.17 -15.39 24.39
N LEU A 572 17.43 -14.96 24.46
CA LEU A 572 18.07 -13.91 23.66
C LEU A 572 17.41 -12.54 23.84
N ASN A 573 16.64 -12.31 24.90
CA ASN A 573 15.99 -11.02 25.10
C ASN A 573 17.00 -9.92 25.38
N GLY A 574 18.08 -10.26 26.07
CA GLY A 574 19.23 -9.38 26.20
C GLY A 574 20.45 -10.17 25.81
N TRP A 575 21.51 -9.51 25.37
CA TRP A 575 22.69 -10.27 24.96
C TRP A 575 23.57 -10.55 26.16
N ASP A 576 24.85 -10.80 25.87
CA ASP A 576 25.85 -11.13 26.90
C ASP A 576 25.93 -10.04 27.95
N LEU A 577 25.70 -10.42 29.21
CA LEU A 577 25.63 -9.43 30.27
C LEU A 577 25.93 -10.10 31.60
N ASN A 578 25.63 -9.41 32.69
CA ASN A 578 25.42 -10.11 33.95
C ASN A 578 24.26 -11.09 33.83
N LYS A 579 23.22 -10.70 33.09
CA LYS A 579 22.07 -11.58 32.82
C LYS A 579 22.23 -12.30 31.48
N GLU A 580 23.33 -13.02 31.35
CA GLU A 580 23.49 -13.99 30.28
C GLU A 580 23.10 -15.40 30.71
N LYS A 581 22.85 -15.60 32.00
CA LYS A 581 22.35 -16.89 32.47
C LYS A 581 20.85 -17.00 32.23
N ASP A 582 20.16 -15.87 32.15
CA ASP A 582 18.75 -15.87 31.81
C ASP A 582 18.56 -16.11 30.31
N ASN A 583 19.40 -15.48 29.48
CA ASN A 583 19.09 -15.34 28.07
C ASN A 583 19.84 -16.36 27.21
N PHE A 584 20.78 -17.08 27.81
CA PHE A 584 21.40 -18.34 27.32
C PHE A 584 22.32 -18.19 26.10
N GLY A 585 22.47 -17.02 25.50
CA GLY A 585 23.14 -16.97 24.21
C GLY A 585 24.35 -16.08 24.07
N VAL A 586 25.49 -16.65 23.67
CA VAL A 586 26.75 -15.93 23.54
C VAL A 586 27.24 -16.02 22.11
N ILE A 587 28.06 -15.05 21.70
CA ILE A 587 28.59 -14.95 20.34
C ILE A 587 30.10 -15.17 20.39
N LEU A 588 30.60 -16.05 19.51
CA LEU A 588 32.00 -16.42 19.46
C LEU A 588 32.57 -16.17 18.06
N GLN A 589 33.87 -15.90 18.01
CA GLN A 589 34.59 -15.67 16.76
C GLN A 589 35.76 -16.63 16.62
N LYS A 590 35.95 -17.17 15.41
CA LYS A 590 37.12 -17.99 15.09
C LYS A 590 37.90 -17.41 13.91
N ASP A 591 38.08 -16.09 13.89
CA ASP A 591 38.92 -15.29 12.99
C ASP A 591 38.54 -15.37 11.51
N GLY A 592 37.55 -16.16 11.12
CA GLY A 592 36.99 -16.08 9.78
C GLY A 592 35.49 -15.94 9.82
N CYS A 593 34.88 -16.45 10.90
CA CYS A 593 33.43 -16.57 10.98
C CYS A 593 32.98 -16.20 12.38
N TYR A 594 31.67 -16.05 12.53
CA TYR A 594 31.04 -15.68 13.79
C TYR A 594 30.12 -16.82 14.21
N TYR A 595 30.18 -17.20 15.48
CA TYR A 595 29.45 -18.35 15.99
C TYR A 595 28.45 -17.90 17.04
N LEU A 596 27.26 -18.51 17.01
CA LEU A 596 26.24 -18.30 18.04
C LEU A 596 26.23 -19.53 18.94
N ALA A 597 26.66 -19.37 20.17
CA ALA A 597 26.65 -20.46 21.12
C ALA A 597 25.53 -20.28 22.13
N LEU A 598 24.79 -21.35 22.39
CA LEU A 598 23.67 -21.34 23.31
C LEU A 598 24.00 -22.17 24.54
N LEU A 599 23.67 -21.65 25.72
CA LEU A 599 23.88 -22.36 26.96
C LEU A 599 22.86 -23.49 27.11
N ASP A 600 22.99 -24.24 28.20
CA ASP A 600 22.07 -25.31 28.55
C ASP A 600 21.53 -25.08 29.94
N LYS A 601 20.37 -25.66 30.24
CA LYS A 601 19.77 -25.50 31.56
C LYS A 601 20.54 -26.27 32.62
N ALA A 602 21.30 -27.29 32.21
CA ALA A 602 22.07 -28.08 33.17
C ALA A 602 23.31 -27.30 33.63
N HIS A 603 24.14 -26.86 32.70
CA HIS A 603 25.41 -26.21 33.00
C HIS A 603 25.36 -24.77 32.49
N LYS A 604 25.12 -23.83 33.41
CA LYS A 604 25.16 -22.41 33.11
C LYS A 604 26.42 -21.75 33.64
N LYS A 605 27.38 -22.54 34.13
CA LYS A 605 28.55 -22.02 34.85
C LYS A 605 29.85 -22.30 34.10
N VAL A 606 29.79 -22.48 32.79
CA VAL A 606 30.98 -22.87 32.05
C VAL A 606 31.90 -21.68 31.80
N PHE A 607 31.32 -20.51 31.54
CA PHE A 607 32.12 -19.35 31.16
C PHE A 607 32.51 -18.48 32.34
N ASP A 608 32.30 -18.93 33.58
CA ASP A 608 32.75 -18.15 34.74
C ASP A 608 34.24 -18.34 34.96
N ASN A 609 34.70 -19.58 34.94
CA ASN A 609 36.12 -19.91 35.04
C ASN A 609 36.50 -20.67 33.77
N ALA A 610 36.89 -19.92 32.74
CA ALA A 610 37.28 -20.42 31.43
C ALA A 610 38.76 -20.14 31.17
N PRO A 611 39.44 -21.04 30.45
CA PRO A 611 40.86 -20.80 30.13
C PRO A 611 41.02 -19.67 29.12
N ASN A 612 41.90 -18.73 29.45
CA ASN A 612 42.11 -17.53 28.65
C ASN A 612 43.32 -17.67 27.73
N THR A 613 44.14 -18.70 27.91
CA THR A 613 45.38 -18.86 27.16
C THR A 613 45.24 -20.02 26.18
N GLY A 614 45.89 -19.88 25.04
CA GLY A 614 45.93 -20.94 24.05
C GLY A 614 46.28 -20.38 22.70
N LYS A 615 46.56 -21.29 21.77
CA LYS A 615 46.67 -20.95 20.36
C LYS A 615 45.34 -21.26 19.69
N SER A 616 44.97 -20.40 18.72
CA SER A 616 43.73 -20.53 17.93
C SER A 616 42.50 -20.57 18.83
N VAL A 617 42.27 -19.47 19.54
CA VAL A 617 41.22 -19.42 20.56
C VAL A 617 39.97 -18.76 20.00
N TYR A 618 38.82 -19.08 20.61
CA TYR A 618 37.57 -18.40 20.34
C TYR A 618 37.49 -17.12 21.17
N GLN A 619 37.18 -16.01 20.52
CA GLN A 619 36.90 -14.79 21.28
C GLN A 619 35.46 -14.80 21.77
N LYS A 620 35.19 -14.03 22.82
CA LYS A 620 33.87 -13.97 23.42
C LYS A 620 33.50 -12.52 23.68
N MET A 621 32.28 -12.15 23.30
CA MET A 621 31.82 -10.77 23.42
C MET A 621 31.42 -10.48 24.85
N ILE A 622 31.49 -9.20 25.25
CA ILE A 622 31.19 -8.83 26.63
C ILE A 622 29.84 -8.16 26.74
N TYR A 623 29.64 -7.08 25.96
CA TYR A 623 28.37 -6.37 25.79
C TYR A 623 27.79 -5.80 27.10
N LYS A 624 28.48 -4.87 27.74
CA LYS A 624 27.86 -4.14 28.84
C LYS A 624 27.15 -2.93 28.25
N LEU A 625 25.93 -2.68 28.73
CA LEU A 625 25.04 -1.72 28.07
C LEU A 625 24.12 -1.08 29.10
N LEU A 626 23.92 0.22 28.95
CA LEU A 626 22.96 0.99 29.73
C LEU A 626 21.77 1.35 28.85
N PRO A 627 20.58 0.80 29.10
CA PRO A 627 19.43 1.11 28.24
C PRO A 627 18.62 2.32 28.71
N GLY A 628 18.36 3.27 27.80
CA GLY A 628 17.56 4.41 28.12
C GLY A 628 18.20 5.37 29.12
N PRO A 629 19.22 6.11 28.67
CA PRO A 629 19.99 6.95 29.61
C PRO A 629 19.19 8.08 30.25
N ASN A 630 18.17 8.59 29.56
CA ASN A 630 17.27 9.56 30.16
C ASN A 630 16.18 8.87 30.98
N LYS A 631 16.08 7.53 30.84
CA LYS A 631 15.04 6.79 31.54
C LYS A 631 15.60 6.00 32.71
N MET A 632 16.82 5.47 32.57
CA MET A 632 17.36 4.61 33.62
C MET A 632 18.07 5.44 34.70
N LEU A 633 18.53 6.63 34.34
CA LEU A 633 19.08 7.53 35.36
C LEU A 633 18.05 8.04 36.38
N PRO A 634 16.75 8.22 36.05
CA PRO A 634 15.84 8.38 37.19
C PRO A 634 15.36 7.07 37.83
OH ALY A 635 12.78 2.32 33.23
CH ALY A 635 12.81 1.77 34.36
CH3 ALY A 635 13.19 0.32 34.50
NZ ALY A 635 12.48 2.47 35.51
CE ALY A 635 12.49 1.92 36.83
CD ALY A 635 13.32 2.71 37.85
CG ALY A 635 14.78 2.34 37.71
CB ALY A 635 15.57 3.48 37.13
CA ALY A 635 15.63 4.67 38.09
N ALY A 635 15.96 5.94 37.47
C ALY A 635 16.65 4.37 39.17
O ALY A 635 16.09 3.95 40.34
N VAL A 636 17.58 5.29 39.38
CA VAL A 636 18.54 5.19 40.48
C VAL A 636 18.30 6.43 41.36
N PHE A 637 17.47 7.34 40.85
CA PHE A 637 17.14 8.56 41.57
C PHE A 637 16.27 8.28 42.79
N PHE A 638 15.46 7.22 42.73
CA PHE A 638 14.57 6.84 43.83
C PHE A 638 15.29 5.83 44.71
N ALA A 639 15.92 6.33 45.77
CA ALA A 639 16.57 5.47 46.76
C ALA A 639 16.50 6.18 48.12
N LYS A 640 16.38 5.39 49.18
CA LYS A 640 16.28 5.99 50.52
C LYS A 640 17.65 6.43 51.02
N SER A 641 18.57 5.49 51.17
CA SER A 641 19.96 5.82 51.45
C SER A 641 20.91 4.96 50.63
N ASN A 642 20.45 4.37 49.53
CA ASN A 642 21.30 3.50 48.73
C ASN A 642 22.30 4.32 47.91
N LEU A 643 21.79 5.20 47.06
CA LEU A 643 22.62 6.14 46.32
C LEU A 643 22.48 7.57 46.80
N ASP A 644 21.41 7.90 47.53
CA ASP A 644 21.20 9.25 48.05
C ASP A 644 21.91 9.39 49.40
N TYR A 645 23.24 9.41 49.33
CA TYR A 645 24.03 9.79 50.50
C TYR A 645 23.85 11.27 50.80
N TYR A 646 23.86 12.10 49.77
CA TYR A 646 23.53 13.52 49.87
C TYR A 646 22.24 13.74 49.10
N ASN A 647 21.11 13.72 49.82
CA ASN A 647 19.82 13.99 49.23
C ASN A 647 19.35 15.35 49.70
N PRO A 648 19.52 16.42 48.92
CA PRO A 648 19.09 17.74 49.38
C PRO A 648 17.61 17.96 49.16
N SER A 649 16.94 18.65 50.10
CA SER A 649 15.55 19.01 49.89
C SER A 649 15.40 20.03 48.76
N ALA A 650 16.45 20.80 48.49
CA ALA A 650 16.45 21.70 47.35
C ALA A 650 16.50 20.94 46.04
N GLU A 651 17.44 19.99 45.91
CA GLU A 651 17.68 19.34 44.63
C GLU A 651 16.61 18.31 44.31
N LEU A 652 16.05 17.65 45.33
CA LEU A 652 15.00 16.67 45.09
C LEU A 652 13.70 17.33 44.67
N LEU A 653 13.35 18.46 45.30
CA LEU A 653 12.09 19.13 44.97
C LEU A 653 12.21 19.90 43.66
N ASP A 654 13.41 20.39 43.34
CA ASP A 654 13.61 21.05 42.04
C ASP A 654 13.68 20.03 40.92
N LYS A 655 13.90 18.76 41.24
CA LYS A 655 13.84 17.72 40.22
C LYS A 655 12.39 17.33 39.93
N TYR A 656 11.49 17.59 40.88
CA TYR A 656 10.09 17.20 40.68
C TYR A 656 9.33 18.24 39.85
N ALA A 657 9.28 19.48 40.35
CA ALA A 657 8.51 20.52 39.65
C ALA A 657 9.27 21.06 38.45
N GLN A 658 10.61 21.10 38.55
CA GLN A 658 11.44 21.65 37.49
C GLN A 658 12.35 20.61 36.86
N GLY A 659 11.91 19.36 36.72
CA GLY A 659 12.73 18.36 36.05
C GLY A 659 12.38 18.23 34.58
N THR A 660 11.12 18.48 34.23
CA THR A 660 10.68 18.36 32.85
C THR A 660 11.12 19.58 32.05
N HIS A 661 11.75 19.33 30.90
CA HIS A 661 12.32 20.36 30.00
C HIS A 661 13.31 21.25 30.72
N LYS A 662 14.12 20.62 31.59
CA LYS A 662 15.32 21.07 32.31
C LYS A 662 15.02 22.09 33.41
N LYS A 663 13.79 22.58 33.47
CA LYS A 663 13.28 23.52 34.49
C LYS A 663 11.79 23.74 34.19
N GLY A 664 11.07 24.22 35.20
CA GLY A 664 9.68 24.55 35.04
C GLY A 664 9.49 25.94 34.44
N ASP A 665 9.70 26.03 33.13
CA ASP A 665 9.66 27.16 32.17
C ASP A 665 10.85 28.11 32.30
N ASN A 666 11.91 27.73 33.00
CA ASN A 666 13.12 28.53 33.10
C ASN A 666 14.26 27.82 32.36
N PHE A 667 15.41 28.50 32.26
CA PHE A 667 16.66 27.88 31.83
C PHE A 667 17.77 28.38 32.74
N ASN A 668 17.99 27.67 33.86
CA ASN A 668 18.96 28.13 34.84
C ASN A 668 20.20 27.23 34.85
N LEU A 669 21.26 27.75 35.46
CA LEU A 669 22.53 27.04 35.49
C LEU A 669 22.66 26.19 36.76
N LYS A 670 22.17 26.71 37.90
CA LYS A 670 22.52 26.14 39.19
C LYS A 670 21.82 24.79 39.44
N ASP A 671 20.53 24.69 39.11
CA ASP A 671 19.86 23.41 39.26
C ASP A 671 20.32 22.42 38.20
N CYS A 672 20.75 22.93 37.05
CA CYS A 672 21.41 22.08 36.06
C CYS A 672 22.82 21.73 36.48
N HIS A 673 23.42 22.52 37.38
CA HIS A 673 24.76 22.19 37.87
C HIS A 673 24.68 21.12 38.96
N ALA A 674 23.69 21.22 39.85
CA ALA A 674 23.61 20.31 40.98
C ALA A 674 23.09 18.94 40.56
N LEU A 675 22.41 18.87 39.43
CA LEU A 675 21.83 17.61 38.99
C LEU A 675 22.87 16.71 38.36
N ILE A 676 23.80 17.28 37.59
CA ILE A 676 24.78 16.48 36.86
C ILE A 676 25.83 15.93 37.82
N ASP A 677 26.35 16.77 38.72
CA ASP A 677 27.43 16.31 39.60
C ASP A 677 26.91 15.34 40.67
N PHE A 678 25.60 15.35 40.92
CA PHE A 678 25.00 14.26 41.66
C PHE A 678 24.96 12.99 40.83
N PHE A 679 24.60 13.11 39.56
CA PHE A 679 24.55 11.94 38.68
C PHE A 679 25.95 11.46 38.31
N LYS A 680 26.89 12.39 38.15
CA LYS A 680 28.27 12.03 37.83
C LYS A 680 28.93 11.30 38.99
N ALA A 681 28.80 11.84 40.21
CA ALA A 681 29.35 11.15 41.37
C ALA A 681 28.48 9.96 41.75
N GLY A 682 27.22 9.96 41.35
CA GLY A 682 26.36 8.82 41.62
C GLY A 682 26.67 7.62 40.74
N ILE A 683 27.21 7.85 39.54
CA ILE A 683 27.59 6.76 38.65
C ILE A 683 28.76 5.98 39.23
N ASN A 684 29.69 6.67 39.88
CA ASN A 684 30.90 6.02 40.36
C ASN A 684 30.65 5.19 41.62
N LYS A 685 29.53 5.41 42.31
CA LYS A 685 29.31 4.75 43.58
C LYS A 685 28.91 3.28 43.41
N HIS A 686 27.80 3.03 42.73
CA HIS A 686 27.24 1.68 42.65
C HIS A 686 28.08 0.81 41.72
N PRO A 687 28.17 -0.50 41.96
CA PRO A 687 29.09 -1.32 41.14
C PRO A 687 28.54 -1.69 39.78
N GLU A 688 27.27 -1.40 39.50
CA GLU A 688 26.68 -1.82 38.23
C GLU A 688 27.21 -1.00 37.07
N TRP A 689 27.13 0.33 37.15
CA TRP A 689 27.59 1.15 36.04
C TRP A 689 29.04 1.57 36.22
N GLN A 690 29.70 1.09 37.29
CA GLN A 690 31.13 1.30 37.43
C GLN A 690 31.88 0.39 36.45
N HIS A 691 33.20 0.63 36.36
CA HIS A 691 34.15 0.06 35.40
C HIS A 691 33.81 0.38 33.95
N PHE A 692 32.90 1.34 33.72
CA PHE A 692 32.61 1.86 32.39
C PHE A 692 33.60 2.97 32.09
N GLY A 693 34.05 3.04 30.84
CA GLY A 693 34.94 4.11 30.44
C GLY A 693 34.21 5.42 30.19
N PHE A 694 33.71 6.02 31.27
CA PHE A 694 32.90 7.24 31.18
C PHE A 694 33.82 8.45 31.23
N LYS A 695 34.17 8.97 30.04
CA LYS A 695 34.98 10.18 29.95
C LYS A 695 34.07 11.40 29.84
N PHE A 696 33.69 11.90 31.01
CA PHE A 696 32.65 12.92 31.10
C PHE A 696 33.22 14.32 30.84
N SER A 697 32.41 15.15 30.18
CA SER A 697 32.74 16.55 30.05
C SER A 697 32.48 17.27 31.37
N PRO A 698 33.20 18.35 31.66
CA PRO A 698 32.93 19.12 32.88
C PRO A 698 31.57 19.82 32.81
N THR A 699 31.11 20.26 33.99
CA THR A 699 29.80 20.89 34.10
C THR A 699 29.81 22.29 33.49
N SER A 700 30.99 22.94 33.51
CA SER A 700 31.09 24.30 33.00
C SER A 700 30.97 24.34 31.48
N SER A 701 31.37 23.26 30.80
CA SER A 701 31.40 23.26 29.34
C SER A 701 29.98 23.14 28.76
N TYR A 702 29.14 22.31 29.36
CA TYR A 702 27.79 22.08 28.85
C TYR A 702 26.78 22.27 29.97
N GLN A 703 25.74 23.05 29.70
CA GLN A 703 24.67 23.30 30.66
C GLN A 703 23.36 22.63 30.29
N ASP A 704 23.18 22.22 29.04
CA ASP A 704 21.92 21.62 28.60
C ASP A 704 21.85 20.18 29.10
N LEU A 705 20.69 19.79 29.62
CA LEU A 705 20.52 18.41 30.07
C LEU A 705 20.33 17.46 28.91
N SER A 706 19.96 17.98 27.73
CA SER A 706 19.93 17.13 26.54
C SER A 706 21.34 16.82 26.06
N ASP A 707 22.31 17.67 26.37
CA ASP A 707 23.69 17.41 25.99
C ASP A 707 24.32 16.36 26.90
N PHE A 708 23.89 16.32 28.17
CA PHE A 708 24.47 15.32 29.11
C PHE A 708 23.97 13.93 28.76
N TYR A 709 22.70 13.80 28.37
CA TYR A 709 22.20 12.50 27.98
C TYR A 709 22.70 12.11 26.59
N ARG A 710 23.18 13.09 25.82
CA ARG A 710 23.76 12.80 24.52
C ARG A 710 25.18 12.25 24.66
N GLU A 711 25.85 12.56 25.77
CA GLU A 711 27.23 12.10 25.95
C GLU A 711 27.28 10.68 26.49
N VAL A 712 26.23 10.24 27.20
CA VAL A 712 26.22 8.89 27.77
C VAL A 712 25.52 7.88 26.88
N GLU A 713 24.96 8.31 25.75
CA GLU A 713 24.38 7.34 24.81
C GLU A 713 25.44 6.56 24.02
N PRO A 714 26.53 7.15 23.51
CA PRO A 714 27.57 6.27 22.93
C PRO A 714 28.40 5.54 23.96
N GLN A 715 28.70 6.19 25.09
CA GLN A 715 29.56 5.55 26.09
C GLN A 715 28.81 4.56 26.95
N GLY A 716 27.48 4.56 26.89
CA GLY A 716 26.71 3.59 27.64
C GLY A 716 26.79 2.19 27.05
N TYR A 717 27.17 2.10 25.78
CA TYR A 717 27.20 0.84 25.03
C TYR A 717 28.65 0.46 24.77
N GLN A 718 29.11 -0.61 25.43
CA GLN A 718 30.49 -1.08 25.30
C GLN A 718 30.49 -2.56 24.95
N VAL A 719 31.21 -2.89 23.87
CA VAL A 719 31.42 -4.26 23.44
C VAL A 719 32.92 -4.54 23.44
N LYS A 720 33.32 -5.61 24.12
CA LYS A 720 34.71 -6.01 24.16
C LYS A 720 34.81 -7.44 23.66
N PHE A 721 36.05 -7.96 23.58
CA PHE A 721 36.29 -9.33 23.12
C PHE A 721 37.48 -9.92 23.89
N VAL A 722 37.18 -10.63 24.97
CA VAL A 722 38.19 -11.45 25.64
C VAL A 722 38.04 -12.89 25.14
N ASP A 723 39.17 -13.59 25.04
CA ASP A 723 39.16 -14.86 24.33
C ASP A 723 39.08 -16.04 25.29
N ILE A 724 38.77 -17.20 24.74
CA ILE A 724 38.60 -18.45 25.47
C ILE A 724 39.17 -19.57 24.60
N ASN A 725 39.92 -20.48 25.25
CA ASN A 725 40.58 -21.60 24.59
C ASN A 725 39.59 -22.48 23.82
N ALA A 726 40.00 -22.94 22.64
CA ALA A 726 39.07 -23.61 21.73
C ALA A 726 38.86 -25.06 22.10
N ASP A 727 39.93 -25.75 22.52
CA ASP A 727 39.83 -27.17 22.83
C ASP A 727 39.03 -27.41 24.11
N TYR A 728 38.92 -26.38 24.95
CA TYR A 728 37.97 -26.42 26.06
C TYR A 728 36.55 -26.34 25.55
N ILE A 729 36.29 -25.49 24.56
CA ILE A 729 34.94 -25.32 24.02
C ILE A 729 34.54 -26.54 23.19
N ASN A 730 35.45 -27.03 22.36
CA ASN A 730 35.13 -28.12 21.45
C ASN A 730 34.90 -29.44 22.20
N GLU A 731 35.52 -29.60 23.37
CA GLU A 731 35.37 -30.85 24.10
C GLU A 731 34.05 -30.91 24.86
N LEU A 732 33.38 -29.77 25.06
CA LEU A 732 32.14 -29.79 25.82
C LEU A 732 30.92 -29.77 24.90
N VAL A 733 31.08 -29.36 23.64
CA VAL A 733 29.99 -29.42 22.69
C VAL A 733 29.68 -30.86 22.33
N GLU A 734 30.69 -31.73 22.31
CA GLU A 734 30.45 -33.14 22.02
C GLU A 734 29.86 -33.86 23.22
N GLN A 735 30.02 -33.30 24.42
CA GLN A 735 29.34 -33.85 25.58
C GLN A 735 27.86 -33.44 25.59
N GLY A 736 27.58 -32.23 25.13
CA GLY A 736 26.23 -31.70 25.14
C GLY A 736 25.97 -30.59 26.12
N GLN A 737 27.02 -29.99 26.69
CA GLN A 737 26.83 -28.96 27.70
C GLN A 737 26.53 -27.60 27.07
N LEU A 738 26.93 -27.39 25.83
CA LEU A 738 26.71 -26.15 25.11
C LEU A 738 26.52 -26.45 23.64
N TYR A 739 25.64 -25.69 23.00
CA TYR A 739 25.34 -25.85 21.58
C TYR A 739 26.13 -24.82 20.79
N LEU A 740 26.69 -25.23 19.66
CA LEU A 740 27.41 -24.32 18.77
C LEU A 740 26.70 -24.23 17.43
N PHE A 741 26.29 -23.02 17.07
CA PHE A 741 25.82 -22.72 15.73
C PHE A 741 26.78 -21.76 15.07
N GLN A 742 26.80 -21.75 13.75
CA GLN A 742 27.59 -20.79 12.98
C GLN A 742 26.64 -19.87 12.23
N ILE A 743 26.77 -18.56 12.48
CA ILE A 743 26.01 -17.58 11.73
C ILE A 743 26.52 -17.56 10.31
N TYR A 744 25.67 -17.95 9.36
CA TYR A 744 26.11 -18.29 8.02
C TYR A 744 25.12 -17.80 6.98
N ASN A 745 25.60 -16.97 6.05
CA ASN A 745 24.92 -16.74 4.79
C ASN A 745 25.90 -17.00 3.65
N LYS A 746 25.44 -16.81 2.42
CA LYS A 746 26.12 -17.41 1.25
C LYS A 746 27.49 -16.79 0.97
N ASP A 747 27.79 -15.63 1.55
CA ASP A 747 29.12 -15.06 1.37
C ASP A 747 30.07 -15.38 2.52
N PHE A 748 29.66 -16.23 3.45
CA PHE A 748 30.57 -16.82 4.42
C PHE A 748 31.11 -18.16 3.95
N SER A 749 30.78 -18.57 2.73
CA SER A 749 31.26 -19.84 2.22
C SER A 749 32.73 -19.73 1.80
N PRO A 750 33.47 -20.84 1.82
CA PRO A 750 34.87 -20.76 1.36
C PRO A 750 35.00 -20.58 -0.14
N LYS A 751 33.98 -21.00 -0.90
CA LYS A 751 34.07 -20.92 -2.36
C LYS A 751 33.70 -19.54 -2.88
N ALA A 752 33.13 -18.69 -2.02
CA ALA A 752 32.68 -17.37 -2.45
C ALA A 752 33.86 -16.47 -2.76
N HIS A 753 33.75 -15.70 -3.85
CA HIS A 753 34.81 -14.82 -4.29
C HIS A 753 34.32 -13.47 -4.82
N GLY A 754 33.03 -13.19 -4.76
CA GLY A 754 32.51 -11.96 -5.30
C GLY A 754 32.44 -10.85 -4.26
N LYS A 755 31.63 -9.85 -4.57
CA LYS A 755 31.34 -8.80 -3.60
C LYS A 755 30.37 -9.34 -2.55
N PRO A 756 30.55 -8.99 -1.28
CA PRO A 756 29.73 -9.57 -0.23
C PRO A 756 28.31 -9.01 -0.24
N ASN A 757 27.43 -9.68 0.50
CA ASN A 757 26.05 -9.26 0.59
C ASN A 757 25.94 -7.96 1.38
N LEU A 758 24.81 -7.27 1.22
CA LEU A 758 24.67 -5.94 1.81
C LEU A 758 24.48 -6.02 3.31
N HIS A 759 23.64 -6.95 3.77
CA HIS A 759 23.36 -7.03 5.20
C HIS A 759 24.48 -7.74 5.94
N THR A 760 25.26 -8.56 5.24
CA THR A 760 26.47 -9.13 5.83
C THR A 760 27.51 -8.04 6.09
N LEU A 761 27.50 -6.99 5.27
CA LEU A 761 28.42 -5.88 5.45
C LEU A 761 28.06 -5.05 6.68
N TYR A 762 26.80 -5.14 7.14
CA TYR A 762 26.41 -4.52 8.39
C TYR A 762 26.82 -5.37 9.58
N PHE A 763 26.61 -6.69 9.49
CA PHE A 763 26.93 -7.57 10.60
C PHE A 763 28.44 -7.73 10.79
N LYS A 764 29.21 -7.63 9.70
CA LYS A 764 30.65 -7.60 9.84
C LYS A 764 31.12 -6.26 10.39
N ALA A 765 30.30 -5.22 10.25
CA ALA A 765 30.64 -3.92 10.82
C ALA A 765 30.23 -3.80 12.28
N LEU A 766 29.57 -4.82 12.83
CA LEU A 766 29.22 -4.76 14.25
C LEU A 766 30.43 -5.00 15.13
N PHE A 767 31.35 -5.86 14.69
CA PHE A 767 32.46 -6.28 15.53
C PHE A 767 33.79 -5.92 14.89
N SER A 768 33.87 -4.74 14.30
CA SER A 768 35.13 -4.28 13.73
C SER A 768 35.99 -3.62 14.80
N GLU A 769 37.29 -3.52 14.50
CA GLU A 769 38.22 -2.96 15.48
C GLU A 769 38.09 -1.45 15.58
N ASP A 770 37.45 -0.82 14.59
CA ASP A 770 37.09 0.59 14.71
C ASP A 770 35.75 0.78 15.41
N ASN A 771 35.18 -0.26 16.00
CA ASN A 771 34.07 -0.08 16.92
C ASN A 771 34.53 -0.04 18.38
N LEU A 772 35.85 -0.04 18.61
CA LEU A 772 36.37 0.30 19.93
C LEU A 772 36.27 1.79 20.19
N VAL A 773 36.59 2.60 19.18
CA VAL A 773 36.23 4.02 19.15
C VAL A 773 34.75 4.10 18.79
N ASN A 774 34.20 5.32 18.85
CA ASN A 774 32.75 5.59 18.98
C ASN A 774 31.90 4.82 17.97
N PRO A 775 31.01 3.94 18.44
CA PRO A 775 30.32 3.00 17.54
C PRO A 775 29.23 3.65 16.71
N ILE A 776 29.19 3.30 15.42
CA ILE A 776 28.11 3.71 14.55
C ILE A 776 26.96 2.71 14.62
N TYR A 777 27.29 1.42 14.54
CA TYR A 777 26.30 0.36 14.57
C TYR A 777 26.09 -0.13 16.00
N LYS A 778 25.02 -0.87 16.22
CA LYS A 778 24.69 -1.37 17.55
C LYS A 778 23.93 -2.68 17.42
N LEU A 779 24.36 -3.66 18.20
CA LEU A 779 23.67 -4.95 18.33
C LEU A 779 22.50 -4.79 19.29
N ASN A 780 21.30 -5.09 18.83
CA ASN A 780 20.10 -4.98 19.65
C ASN A 780 19.74 -6.33 20.26
N GLY A 781 19.10 -6.27 21.42
CA GLY A 781 18.57 -7.45 22.06
C GLY A 781 17.26 -7.90 21.43
N GLU A 782 16.65 -8.91 22.05
CA GLU A 782 15.42 -9.57 21.61
C GLU A 782 15.55 -10.12 20.19
N ALA A 783 16.51 -11.02 20.01
CA ALA A 783 16.63 -11.78 18.77
C ALA A 783 15.73 -13.01 18.84
N GLU A 784 15.77 -13.84 17.80
CA GLU A 784 14.91 -15.01 17.72
C GLU A 784 15.51 -16.05 16.78
N ILE A 785 15.28 -17.33 17.12
CA ILE A 785 15.86 -18.45 16.39
C ILE A 785 14.74 -19.33 15.84
N PHE A 786 14.45 -19.20 14.56
CA PHE A 786 13.37 -19.94 13.94
C PHE A 786 13.86 -21.29 13.42
N TYR A 787 12.92 -22.16 13.10
CA TYR A 787 13.22 -23.46 12.52
C TYR A 787 12.19 -23.75 11.44
N ARG A 788 12.65 -24.09 10.24
CA ARG A 788 11.77 -24.35 9.11
C ARG A 788 11.96 -25.80 8.69
N LYS A 789 10.91 -26.59 8.81
CA LYS A 789 11.01 -28.01 8.51
C LYS A 789 11.07 -28.23 7.00
N ALA A 790 11.41 -29.47 6.62
CA ALA A 790 11.54 -29.82 5.21
C ALA A 790 10.17 -29.87 4.56
N SER A 791 9.93 -28.93 3.63
CA SER A 791 8.67 -28.84 2.93
C SER A 791 8.76 -29.34 1.49
N LEU A 792 9.84 -30.03 1.14
CA LEU A 792 10.06 -30.42 -0.24
C LEU A 792 10.89 -31.69 -0.27
N ASP A 793 10.66 -32.51 -1.30
CA ASP A 793 11.37 -33.76 -1.50
C ASP A 793 12.48 -33.56 -2.51
N MET A 794 13.41 -34.51 -2.57
CA MET A 794 14.49 -34.44 -3.54
C MET A 794 13.98 -34.73 -4.95
N ASN A 795 13.16 -35.78 -5.10
CA ASN A 795 12.75 -36.21 -6.43
C ASN A 795 11.63 -35.33 -6.99
N GLU A 796 11.02 -34.49 -6.15
CA GLU A 796 9.88 -33.70 -6.58
C GLU A 796 10.29 -32.58 -7.53
N THR A 797 11.40 -31.92 -7.24
CA THR A 797 11.85 -30.82 -8.07
C THR A 797 12.77 -31.29 -9.19
N THR A 798 12.72 -30.59 -10.32
CA THR A 798 13.54 -30.97 -11.46
C THR A 798 14.99 -30.57 -11.25
N ILE A 799 15.88 -31.55 -11.32
CA ILE A 799 17.30 -31.34 -11.05
C ILE A 799 18.07 -31.54 -12.34
N HIS A 800 19.27 -30.96 -12.39
CA HIS A 800 20.15 -31.08 -13.54
C HIS A 800 21.32 -31.98 -13.15
N ARG A 801 21.40 -33.15 -13.77
CA ARG A 801 22.32 -34.19 -13.35
C ARG A 801 23.76 -33.87 -13.75
N ALA A 802 24.67 -34.77 -13.38
CA ALA A 802 26.08 -34.60 -13.69
C ALA A 802 26.35 -34.82 -15.17
N GLY A 803 27.13 -33.92 -15.75
CA GLY A 803 27.45 -34.03 -17.17
C GLY A 803 26.33 -33.66 -18.10
N GLU A 804 25.35 -32.89 -17.62
CA GLU A 804 24.23 -32.44 -18.44
C GLU A 804 24.50 -31.02 -18.90
N VAL A 805 24.11 -30.72 -20.13
CA VAL A 805 24.42 -29.43 -20.76
C VAL A 805 23.19 -28.54 -20.65
N LEU A 806 23.40 -27.27 -20.29
CA LEU A 806 22.32 -26.35 -19.98
C LEU A 806 22.41 -25.12 -20.87
N GLU A 807 21.25 -24.67 -21.36
CA GLU A 807 21.19 -23.53 -22.27
C GLU A 807 20.89 -22.26 -21.49
N ASN A 808 21.55 -21.18 -21.88
CA ASN A 808 21.37 -19.89 -21.22
C ASN A 808 20.00 -19.31 -21.55
N LYS A 809 19.33 -18.78 -20.52
CA LYS A 809 17.97 -18.27 -20.70
C LYS A 809 17.95 -16.96 -21.47
N ASN A 810 18.94 -16.10 -21.22
CA ASN A 810 18.94 -14.76 -21.81
C ASN A 810 19.24 -14.83 -23.30
N PRO A 811 18.59 -14.00 -24.13
CA PRO A 811 18.81 -14.09 -25.58
C PRO A 811 20.17 -13.59 -26.04
N ASP A 812 20.88 -12.83 -25.21
CA ASP A 812 22.19 -12.33 -25.61
C ASP A 812 23.25 -13.43 -25.53
N ASN A 813 23.32 -14.14 -24.40
CA ASN A 813 24.38 -15.10 -24.17
C ASN A 813 24.09 -16.41 -24.88
N PRO A 814 24.98 -16.91 -25.74
CA PRO A 814 24.77 -18.23 -26.37
C PRO A 814 25.48 -19.41 -25.71
N LYS A 815 26.36 -19.19 -24.73
CA LYS A 815 27.25 -20.24 -24.25
C LYS A 815 26.55 -21.31 -23.42
OH ALY A 816 26.71 -27.35 -27.32
CH ALY A 816 27.20 -26.24 -27.06
CH3 ALY A 816 28.69 -25.99 -27.17
NZ ALY A 816 26.43 -25.16 -26.67
CE ALY A 816 25.00 -25.20 -26.51
CD ALY A 816 24.52 -25.45 -25.07
CG ALY A 816 24.99 -24.32 -24.17
CB ALY A 816 26.18 -24.71 -23.32
CA ALY A 816 26.70 -23.54 -22.46
N ALY A 816 27.22 -22.43 -23.21
C ALY A 816 27.79 -24.08 -21.54
O ALY A 816 29.01 -24.04 -22.13
N ARG A 817 27.43 -24.39 -20.29
CA ARG A 817 28.43 -24.82 -19.31
C ARG A 817 28.12 -26.26 -18.86
N GLN A 818 29.14 -26.99 -18.41
CA GLN A 818 29.03 -28.45 -18.28
C GLN A 818 28.51 -28.87 -16.91
N PHE A 819 29.01 -28.23 -15.83
CA PHE A 819 28.53 -28.42 -14.46
C PHE A 819 28.63 -29.86 -13.95
N VAL A 820 29.87 -30.29 -13.66
CA VAL A 820 30.15 -31.70 -13.34
C VAL A 820 29.46 -32.13 -12.04
N TYR A 821 29.14 -31.18 -11.17
CA TYR A 821 28.38 -31.52 -9.96
C TYR A 821 26.88 -31.40 -10.24
N ASP A 822 26.08 -32.06 -9.40
CA ASP A 822 24.63 -32.02 -9.57
C ASP A 822 24.07 -30.71 -9.04
N ILE A 823 23.02 -30.22 -9.70
CA ILE A 823 22.33 -29.00 -9.30
C ILE A 823 20.88 -29.36 -8.99
N ILE A 824 20.45 -29.10 -7.77
CA ILE A 824 19.11 -29.44 -7.31
C ILE A 824 18.30 -28.14 -7.19
N LYS A 825 17.13 -28.11 -7.81
CA LYS A 825 16.25 -26.95 -7.68
C LYS A 825 15.67 -26.89 -6.28
N ASP A 826 15.72 -25.68 -5.70
CA ASP A 826 15.32 -25.39 -4.32
C ASP A 826 16.07 -26.29 -3.34
N LYS A 827 17.40 -26.13 -3.31
CA LYS A 827 18.21 -26.88 -2.36
C LYS A 827 18.00 -26.41 -0.93
N ARG A 828 17.52 -25.18 -0.76
CA ARG A 828 17.26 -24.65 0.58
C ARG A 828 16.03 -25.30 1.20
N TYR A 829 15.01 -25.56 0.38
CA TYR A 829 13.77 -26.11 0.92
C TYR A 829 13.77 -27.64 0.91
N THR A 830 14.82 -28.27 0.40
CA THR A 830 14.89 -29.73 0.41
C THR A 830 15.17 -30.25 1.83
N GLN A 831 16.13 -29.65 2.51
CA GLN A 831 16.53 -30.07 3.85
C GLN A 831 16.19 -28.98 4.85
N ASP A 832 15.76 -29.39 6.04
CA ASP A 832 15.34 -28.44 7.05
C ASP A 832 16.53 -27.70 7.66
N LYS A 833 16.32 -26.43 7.99
CA LYS A 833 17.39 -25.58 8.46
C LYS A 833 16.88 -24.57 9.47
N PHE A 834 17.78 -24.17 10.37
CA PHE A 834 17.52 -23.15 11.38
C PHE A 834 17.59 -21.76 10.76
N MET A 835 17.33 -20.75 11.58
CA MET A 835 17.42 -19.34 11.19
C MET A 835 17.76 -18.53 12.43
N LEU A 836 18.17 -17.28 12.22
CA LEU A 836 18.44 -16.35 13.30
C LEU A 836 18.24 -14.93 12.79
N HIS A 837 17.34 -14.18 13.42
CA HIS A 837 16.94 -12.86 12.94
C HIS A 837 17.52 -11.81 13.89
N VAL A 838 18.73 -11.36 13.62
CA VAL A 838 19.44 -10.39 14.45
C VAL A 838 18.94 -8.98 14.17
N PRO A 839 18.43 -8.26 15.17
CA PRO A 839 18.13 -6.84 14.96
C PRO A 839 19.33 -5.96 15.24
N ILE A 840 19.61 -4.99 14.38
CA ILE A 840 20.72 -4.06 14.57
C ILE A 840 20.18 -2.64 14.54
N THR A 841 21.03 -1.69 14.94
CA THR A 841 20.68 -0.28 14.95
C THR A 841 21.84 0.54 14.40
N MET A 842 21.56 1.36 13.39
CA MET A 842 22.56 2.24 12.82
C MET A 842 22.47 3.62 13.44
N ASN A 843 23.61 4.32 13.43
CA ASN A 843 23.78 5.67 13.99
C ASN A 843 23.34 5.75 15.45
N PHE A 844 23.75 4.75 16.23
CA PHE A 844 23.46 4.78 17.65
C PHE A 844 24.38 5.76 18.34
N GLY A 845 23.79 6.67 19.11
CA GLY A 845 24.54 7.73 19.75
C GLY A 845 24.31 9.11 19.18
N VAL A 846 23.60 9.23 18.06
CA VAL A 846 23.20 10.53 17.54
C VAL A 846 21.77 10.79 17.96
N GLN A 847 21.45 12.06 18.19
CA GLN A 847 20.19 12.45 18.83
C GLN A 847 19.22 13.12 17.90
N GLY A 848 19.62 13.42 16.66
CA GLY A 848 18.81 14.27 15.81
C GLY A 848 17.57 13.53 15.28
N MET A 849 16.79 14.22 14.48
CA MET A 849 15.45 13.76 14.18
C MET A 849 15.02 14.13 12.76
N THR A 850 13.74 13.88 12.53
CA THR A 850 13.07 13.95 11.23
C THR A 850 12.58 15.37 10.99
N ILE A 851 11.55 15.48 10.14
CA ILE A 851 11.02 16.65 9.43
C ILE A 851 10.83 17.93 10.26
N LYS A 852 10.99 17.84 11.59
CA LYS A 852 11.16 19.00 12.47
C LYS A 852 12.17 20.03 11.93
N GLU A 853 13.19 19.57 11.21
CA GLU A 853 14.11 20.46 10.48
C GLU A 853 13.41 21.29 9.41
N PHE A 854 12.23 20.86 8.94
CA PHE A 854 11.51 21.40 7.78
C PHE A 854 12.35 21.36 6.50
N ASN A 855 13.22 20.35 6.37
CA ASN A 855 14.20 20.19 5.29
C ASN A 855 15.08 21.41 5.10
N LYS A 856 15.43 22.09 6.19
CA LYS A 856 16.36 23.20 6.11
C LYS A 856 17.76 22.73 5.74
N LYS A 857 18.12 21.53 6.20
CA LYS A 857 19.47 21.01 5.96
C LYS A 857 19.68 20.68 4.49
N VAL A 858 18.66 20.11 3.84
CA VAL A 858 18.76 19.78 2.42
C VAL A 858 18.75 21.05 1.58
N ASN A 859 17.85 21.98 1.90
CA ASN A 859 17.67 23.18 1.09
C ASN A 859 18.85 24.14 1.24
N GLN A 860 19.46 24.19 2.43
CA GLN A 860 20.62 25.07 2.60
C GLN A 860 21.84 24.51 1.89
N SER A 861 21.99 23.18 1.86
CA SER A 861 23.14 22.57 1.19
C SER A 861 23.06 22.73 -0.32
N ILE A 862 21.85 22.91 -0.86
CA ILE A 862 21.68 23.12 -2.29
C ILE A 862 22.11 24.54 -2.67
N GLN A 863 21.79 25.52 -1.83
CA GLN A 863 22.10 26.91 -2.14
C GLN A 863 23.59 27.21 -2.06
N GLN A 864 24.29 26.59 -1.11
CA GLN A 864 25.73 26.81 -1.00
C GLN A 864 26.48 26.07 -2.10
N TYR A 865 25.98 24.90 -2.50
CA TYR A 865 26.57 24.18 -3.62
C TYR A 865 26.27 24.89 -4.94
N ASP A 866 27.21 24.79 -5.87
CA ASP A 866 27.09 25.46 -7.17
C ASP A 866 26.97 24.41 -8.27
N GLU A 867 26.14 24.72 -9.28
CA GLU A 867 25.88 23.90 -10.46
C GLU A 867 25.33 22.52 -10.11
N VAL A 868 24.11 22.47 -9.58
CA VAL A 868 23.42 21.23 -9.25
C VAL A 868 22.76 20.70 -10.52
N ASN A 869 22.73 19.38 -10.68
CA ASN A 869 22.10 18.73 -11.82
C ASN A 869 20.78 18.11 -11.37
N VAL A 870 19.83 17.97 -12.30
CA VAL A 870 18.51 17.45 -11.96
C VAL A 870 18.30 16.11 -12.67
N ILE A 871 17.64 15.18 -11.98
CA ILE A 871 17.35 13.86 -12.53
C ILE A 871 15.83 13.69 -12.55
N GLY A 872 15.29 13.36 -13.73
CA GLY A 872 13.86 13.12 -13.84
C GLY A 872 13.55 11.71 -14.29
N ILE A 873 12.72 11.01 -13.53
CA ILE A 873 12.31 9.65 -13.84
C ILE A 873 10.80 9.64 -14.01
N ASP A 874 10.33 9.19 -15.17
CA ASP A 874 8.91 9.03 -15.42
C ASP A 874 8.67 7.70 -16.12
N ARG A 875 7.41 7.27 -16.09
CA ARG A 875 7.02 6.04 -16.76
C ARG A 875 7.05 6.23 -18.27
N GLY A 876 7.05 5.10 -18.97
CA GLY A 876 7.01 5.11 -20.42
C GLY A 876 5.93 4.20 -20.96
N GLU A 877 5.42 4.55 -22.14
CA GLU A 877 4.40 3.70 -22.77
C GLU A 877 5.04 2.57 -23.56
N ARG A 878 6.21 2.82 -24.15
CA ARG A 878 6.95 1.76 -24.84
C ARG A 878 8.22 1.35 -24.11
N HIS A 879 8.63 2.07 -23.07
CA HIS A 879 9.75 1.71 -22.23
C HIS A 879 9.24 1.44 -20.83
N LEU A 880 9.98 0.62 -20.08
CA LEU A 880 9.59 0.31 -18.70
C LEU A 880 9.75 1.53 -17.81
N LEU A 881 10.92 2.15 -17.83
CA LEU A 881 11.16 3.43 -17.19
C LEU A 881 12.15 4.18 -18.06
N TYR A 882 12.14 5.51 -17.96
CA TYR A 882 13.06 6.33 -18.73
C TYR A 882 13.66 7.39 -17.83
N LEU A 883 14.91 7.76 -18.11
CA LEU A 883 15.68 8.65 -17.28
C LEU A 883 16.26 9.77 -18.14
N THR A 884 16.42 10.96 -17.56
CA THR A 884 17.03 12.10 -18.23
C THR A 884 17.67 13.02 -17.20
N VAL A 885 18.93 13.36 -17.40
CA VAL A 885 19.71 14.18 -16.47
C VAL A 885 19.92 15.55 -17.10
N ILE A 886 19.55 16.59 -16.36
CA ILE A 886 19.48 17.97 -16.86
C ILE A 886 20.38 18.84 -15.98
N ASN A 887 21.19 19.70 -16.61
CA ASN A 887 21.95 20.66 -15.84
C ASN A 887 21.10 21.88 -15.47
N SER A 888 21.74 22.88 -14.86
CA SER A 888 21.03 24.09 -14.46
C SER A 888 20.60 24.92 -15.65
N LYS A 889 21.32 24.82 -16.78
CA LYS A 889 20.97 25.60 -17.96
C LYS A 889 19.74 25.04 -18.67
N GLY A 890 19.52 23.73 -18.57
CA GLY A 890 18.36 23.10 -19.17
C GLY A 890 18.64 22.15 -20.31
N GLU A 891 19.86 21.63 -20.44
CA GLU A 891 20.24 20.79 -21.55
C GLU A 891 20.59 19.39 -21.05
N ILE A 892 20.33 18.39 -21.88
CA ILE A 892 20.44 16.99 -21.48
C ILE A 892 21.91 16.61 -21.35
N LEU A 893 22.25 15.92 -20.26
CA LEU A 893 23.59 15.34 -20.13
C LEU A 893 23.60 13.92 -20.70
N GLU A 894 22.74 13.06 -20.18
CA GLU A 894 22.53 11.74 -20.76
C GLU A 894 21.05 11.39 -20.70
N GLN A 895 20.61 10.60 -21.67
CA GLN A 895 19.24 10.09 -21.72
C GLN A 895 19.33 8.62 -22.10
N ARG A 896 18.92 7.74 -21.20
CA ARG A 896 19.04 6.31 -21.46
C ARG A 896 17.86 5.57 -20.87
N SER A 897 17.33 4.64 -21.64
CA SER A 897 16.21 3.82 -21.20
C SER A 897 16.64 2.88 -20.08
N LEU A 898 15.66 2.40 -19.34
CA LEU A 898 15.90 1.38 -18.32
C LEU A 898 15.38 0.01 -18.73
N ASN A 899 15.12 -0.17 -20.03
CA ASN A 899 14.92 -1.51 -20.59
C ASN A 899 16.14 -2.37 -20.36
N ASP A 900 17.32 -1.83 -20.66
CA ASP A 900 18.59 -2.49 -20.45
C ASP A 900 19.29 -1.85 -19.26
N ILE A 901 19.62 -2.67 -18.26
CA ILE A 901 20.30 -2.20 -17.06
C ILE A 901 21.61 -2.96 -16.89
N THR A 902 22.71 -2.22 -16.88
CA THR A 902 24.05 -2.80 -16.86
C THR A 902 24.81 -2.34 -15.62
N THR A 903 24.59 -3.05 -14.51
CA THR A 903 25.40 -2.92 -13.32
C THR A 903 26.10 -4.21 -12.94
N ALA A 904 25.93 -5.25 -13.73
CA ALA A 904 26.35 -6.61 -13.39
C ALA A 904 27.86 -6.80 -13.47
N SER A 905 28.61 -6.15 -12.56
CA SER A 905 30.07 -6.16 -12.60
C SER A 905 30.62 -7.18 -11.62
N ALA A 906 30.82 -8.41 -12.12
CA ALA A 906 31.39 -9.48 -11.29
C ALA A 906 32.84 -9.19 -10.91
N ASN A 907 33.75 -9.22 -11.91
CA ASN A 907 35.18 -8.91 -11.70
C ASN A 907 35.71 -8.09 -12.88
N GLY A 908 34.92 -7.11 -13.32
CA GLY A 908 35.28 -6.31 -14.47
C GLY A 908 34.52 -6.62 -15.74
N THR A 909 33.74 -7.69 -15.76
CA THR A 909 32.87 -8.02 -16.89
C THR A 909 31.48 -7.46 -16.61
N GLN A 910 30.85 -6.91 -17.65
CA GLN A 910 29.54 -6.29 -17.53
C GLN A 910 28.53 -7.07 -18.34
N MET A 911 27.47 -7.51 -17.68
CA MET A 911 26.38 -8.26 -18.31
C MET A 911 25.15 -7.38 -18.38
N THR A 912 24.66 -7.15 -19.60
CA THR A 912 23.48 -6.32 -19.82
C THR A 912 22.27 -7.22 -20.02
N THR A 913 21.29 -7.12 -19.12
CA THR A 913 20.12 -7.99 -19.27
C THR A 913 18.95 -7.22 -19.87
N PRO A 914 18.29 -7.80 -20.88
CA PRO A 914 17.11 -7.14 -21.44
C PRO A 914 15.85 -7.41 -20.64
N TYR A 915 15.35 -6.42 -19.92
CA TYR A 915 14.11 -6.60 -19.20
C TYR A 915 12.88 -6.32 -20.06
N HIS A 916 13.07 -5.84 -21.28
CA HIS A 916 11.96 -5.68 -22.20
C HIS A 916 11.68 -6.97 -22.96
N LYS A 917 12.73 -7.76 -23.20
CA LYS A 917 12.55 -9.04 -23.88
C LYS A 917 12.00 -10.09 -22.93
N ILE A 918 12.25 -9.93 -21.64
CA ILE A 918 11.66 -10.85 -20.66
C ILE A 918 10.18 -10.56 -20.48
N LEU A 919 9.81 -9.28 -20.46
CA LEU A 919 8.41 -8.89 -20.36
C LEU A 919 7.62 -9.25 -21.62
N ASP A 920 8.30 -9.31 -22.77
CA ASP A 920 7.65 -9.85 -23.96
C ASP A 920 7.40 -11.35 -23.80
N LYS A 921 8.32 -12.05 -23.12
CA LYS A 921 8.13 -13.47 -22.87
C LYS A 921 7.10 -13.71 -21.78
N ARG A 922 6.96 -12.76 -20.84
CA ARG A 922 5.95 -12.92 -19.80
C ARG A 922 4.55 -12.62 -20.33
N GLU A 923 4.45 -11.76 -21.34
CA GLU A 923 3.15 -11.35 -21.84
C GLU A 923 2.46 -12.45 -22.64
N ILE A 924 3.25 -13.23 -23.39
CA ILE A 924 2.72 -14.40 -24.08
C ILE A 924 2.44 -15.52 -23.09
N GLU A 925 3.15 -15.52 -21.95
CA GLU A 925 2.91 -16.53 -20.91
C GLU A 925 1.55 -16.33 -20.26
N ARG A 926 1.06 -15.09 -20.23
CA ARG A 926 -0.28 -14.76 -19.77
C ARG A 926 -1.32 -14.89 -20.87
N LEU A 927 -0.90 -15.02 -22.13
CA LEU A 927 -1.84 -15.06 -23.25
C LEU A 927 -2.56 -16.39 -23.32
N ASN A 928 -1.96 -17.46 -22.78
CA ASN A 928 -2.52 -18.80 -22.89
C ASN A 928 -3.79 -18.94 -22.07
N ALA A 929 -4.90 -19.22 -22.76
CA ALA A 929 -6.20 -19.30 -22.10
C ALA A 929 -6.33 -20.58 -21.27
N ARG A 930 -6.01 -21.73 -21.87
CA ARG A 930 -6.11 -23.02 -21.18
C ARG A 930 -4.87 -23.21 -20.34
N VAL A 931 -4.75 -22.41 -19.28
CA VAL A 931 -3.63 -22.49 -18.35
C VAL A 931 -4.12 -22.11 -16.96
N GLY A 932 -3.24 -22.17 -15.97
CA GLY A 932 -3.58 -21.73 -14.64
C GLY A 932 -3.72 -20.22 -14.53
N TRP A 933 -4.18 -19.78 -13.37
CA TRP A 933 -4.40 -18.36 -13.13
C TRP A 933 -3.19 -17.66 -12.50
N GLY A 934 -2.14 -18.41 -12.15
CA GLY A 934 -1.04 -17.87 -11.40
C GLY A 934 0.10 -17.26 -12.20
N GLU A 935 -0.06 -17.10 -13.51
CA GLU A 935 1.00 -16.47 -14.29
C GLU A 935 0.91 -14.96 -14.26
N ILE A 936 -0.20 -14.41 -13.74
CA ILE A 936 -0.33 -12.97 -13.62
C ILE A 936 0.47 -12.46 -12.43
N GLU A 937 0.85 -13.35 -11.49
CA GLU A 937 1.62 -12.92 -10.33
C GLU A 937 3.11 -13.06 -10.58
N THR A 938 3.50 -13.90 -11.56
CA THR A 938 4.90 -14.02 -11.94
C THR A 938 5.41 -12.71 -12.55
N ILE A 939 4.53 -12.00 -13.27
CA ILE A 939 4.90 -10.69 -13.81
C ILE A 939 4.97 -9.65 -12.69
N LYS A 940 4.08 -9.77 -11.70
CA LYS A 940 4.12 -8.83 -10.57
C LYS A 940 5.28 -9.14 -9.64
N GLU A 941 5.68 -10.42 -9.54
CA GLU A 941 6.89 -10.78 -8.80
C GLU A 941 8.13 -10.25 -9.50
N LEU A 942 8.09 -10.18 -10.83
CA LEU A 942 9.24 -9.67 -11.59
C LEU A 942 9.33 -8.16 -11.49
N LYS A 943 8.20 -7.47 -11.60
CA LYS A 943 8.19 -6.01 -11.54
C LYS A 943 8.51 -5.52 -10.13
N SER A 944 8.18 -6.32 -9.12
CA SER A 944 8.64 -6.04 -7.76
C SER A 944 10.13 -6.30 -7.64
N GLY A 945 10.67 -7.18 -8.48
CA GLY A 945 12.09 -7.49 -8.42
C GLY A 945 12.91 -6.66 -9.39
N TYR A 946 12.31 -6.24 -10.50
CA TYR A 946 12.98 -5.35 -11.45
C TYR A 946 13.26 -3.98 -10.85
N LEU A 947 12.31 -3.45 -10.08
CA LEU A 947 12.46 -2.11 -9.53
C LEU A 947 13.51 -2.08 -8.43
N SER A 948 13.84 -3.25 -7.87
CA SER A 948 14.94 -3.32 -6.91
C SER A 948 16.28 -3.11 -7.60
N HIS A 949 16.37 -3.44 -8.88
CA HIS A 949 17.57 -3.11 -9.64
C HIS A 949 17.60 -1.64 -10.01
N VAL A 950 16.42 -1.05 -10.27
CA VAL A 950 16.32 0.34 -10.70
C VAL A 950 16.72 1.28 -9.57
N VAL A 951 16.40 0.90 -8.33
CA VAL A 951 16.78 1.68 -7.15
C VAL A 951 18.30 1.75 -7.02
N HIS A 952 19.00 0.71 -7.44
CA HIS A 952 20.46 0.77 -7.48
C HIS A 952 20.94 1.70 -8.58
N GLN A 953 20.23 1.75 -9.71
CA GLN A 953 20.68 2.54 -10.84
C GLN A 953 20.56 4.04 -10.57
N ILE A 954 19.54 4.44 -9.81
CA ILE A 954 19.35 5.87 -9.53
C ILE A 954 20.34 6.32 -8.46
N SER A 955 20.63 5.45 -7.49
CA SER A 955 21.52 5.83 -6.39
C SER A 955 22.97 5.95 -6.85
N GLN A 956 23.32 5.33 -7.96
CA GLN A 956 24.64 5.54 -8.55
C GLN A 956 24.61 6.71 -9.52
N LEU A 957 23.44 7.06 -10.03
CA LEU A 957 23.30 8.27 -10.84
C LEU A 957 23.42 9.53 -9.99
N MET A 958 22.88 9.49 -8.76
CA MET A 958 22.89 10.66 -7.90
C MET A 958 24.31 11.00 -7.44
N LEU A 959 25.16 10.00 -7.30
CA LEU A 959 26.51 10.24 -6.81
C LEU A 959 27.41 10.79 -7.91
N LYS A 960 27.14 10.42 -9.16
CA LYS A 960 28.03 10.77 -10.26
C LYS A 960 27.92 12.26 -10.60
N TYR A 961 26.72 12.82 -10.50
CA TYR A 961 26.47 14.19 -10.95
C TYR A 961 26.20 15.16 -9.81
N ASN A 962 26.23 14.69 -8.55
CA ASN A 962 25.74 15.41 -7.37
C ASN A 962 24.34 15.96 -7.62
N ALA A 963 23.43 15.05 -7.96
CA ALA A 963 22.20 15.41 -8.63
C ALA A 963 21.03 15.50 -7.64
N ILE A 964 19.87 15.85 -8.18
CA ILE A 964 18.60 15.87 -7.47
C ILE A 964 17.61 15.04 -8.27
N VAL A 965 17.02 14.05 -7.63
CA VAL A 965 16.08 13.15 -8.30
C VAL A 965 14.66 13.67 -8.10
N VAL A 966 13.96 13.89 -9.21
CA VAL A 966 12.62 14.48 -9.21
C VAL A 966 11.65 13.46 -9.80
N LEU A 967 10.74 12.96 -8.98
CA LEU A 967 9.77 11.97 -9.38
C LEU A 967 8.39 12.61 -9.53
N GLU A 968 7.44 11.88 -10.11
CA GLU A 968 6.10 12.41 -10.25
C GLU A 968 5.35 12.31 -8.92
N ASP A 969 4.34 13.16 -8.77
CA ASP A 969 3.53 13.21 -7.56
C ASP A 969 2.32 12.31 -7.74
N LEU A 970 2.22 11.26 -6.92
CA LEU A 970 1.14 10.30 -7.07
C LEU A 970 -0.16 10.79 -6.46
N ASN A 971 -0.12 11.90 -5.71
CA ASN A 971 -1.33 12.38 -5.06
C ASN A 971 -2.24 13.12 -6.03
N PHE A 972 -1.66 13.98 -6.89
CA PHE A 972 -2.44 14.72 -7.86
C PHE A 972 -1.83 14.75 -9.25
N GLY A 973 -0.98 13.78 -9.58
CA GLY A 973 -0.55 13.58 -10.95
C GLY A 973 -0.74 12.13 -11.34
N PHE A 974 -1.72 11.48 -10.70
CA PHE A 974 -1.91 10.05 -10.89
C PHE A 974 -2.88 9.75 -12.03
N LYS A 975 -3.58 10.77 -12.53
CA LYS A 975 -4.42 10.57 -13.69
C LYS A 975 -3.57 10.41 -14.94
N ARG A 976 -3.42 9.17 -15.39
CA ARG A 976 -2.50 8.85 -16.48
C ARG A 976 -3.17 7.83 -17.40
N GLY A 977 -2.51 7.55 -18.51
CA GLY A 977 -3.00 6.59 -19.48
C GLY A 977 -2.57 5.17 -19.14
N CYS A 978 -2.50 4.33 -20.17
CA CYS A 978 -2.04 2.96 -19.99
C CYS A 978 -0.51 2.93 -20.05
N PHE A 979 0.09 2.09 -19.20
CA PHE A 979 1.54 2.06 -19.07
C PHE A 979 1.99 0.64 -18.83
N LYS A 980 3.29 0.41 -19.05
CA LYS A 980 3.87 -0.91 -18.82
C LYS A 980 4.08 -1.17 -17.33
N VAL A 981 4.17 -0.11 -16.52
CA VAL A 981 4.26 -0.21 -15.07
C VAL A 981 3.02 0.42 -14.47
N GLU A 982 2.36 -0.32 -13.58
CA GLU A 982 1.08 0.12 -13.03
C GLU A 982 1.26 1.22 -11.99
N LYS A 983 0.14 1.62 -11.38
CA LYS A 983 0.16 2.71 -10.42
C LYS A 983 0.36 2.19 -9.00
N GLN A 984 -0.15 1.00 -8.70
CA GLN A 984 0.07 0.39 -7.39
C GLN A 984 1.48 -0.18 -7.28
N ILE A 985 2.09 -0.46 -8.43
CA ILE A 985 3.48 -0.92 -8.44
C ILE A 985 4.43 0.27 -8.30
N TYR A 986 4.07 1.41 -8.90
CA TYR A 986 4.96 2.56 -8.91
C TYR A 986 5.02 3.24 -7.55
N GLN A 987 4.03 3.01 -6.69
CA GLN A 987 4.13 3.52 -5.33
C GLN A 987 5.13 2.71 -4.52
N ASN A 988 5.31 1.43 -4.85
CA ASN A 988 6.30 0.62 -4.16
C ASN A 988 7.72 1.00 -4.57
N PHE A 989 7.88 1.48 -5.81
CA PHE A 989 9.17 2.00 -6.24
C PHE A 989 9.48 3.31 -5.53
N GLU A 990 8.47 4.16 -5.37
CA GLU A 990 8.67 5.47 -4.77
C GLU A 990 8.79 5.36 -3.25
N ASN A 991 8.34 4.24 -2.69
CA ASN A 991 8.56 3.97 -1.27
C ASN A 991 9.95 3.36 -1.04
N ALA A 992 10.36 2.44 -1.91
CA ALA A 992 11.64 1.77 -1.74
C ALA A 992 12.81 2.67 -2.11
N LEU A 993 12.54 3.75 -2.85
CA LEU A 993 13.59 4.72 -3.11
C LEU A 993 13.85 5.60 -1.89
N ILE A 994 12.85 5.74 -1.01
CA ILE A 994 13.05 6.49 0.22
C ILE A 994 13.82 5.67 1.23
N LYS A 995 13.45 4.39 1.37
CA LYS A 995 14.08 3.53 2.37
C LYS A 995 15.53 3.20 2.00
N LYS A 996 15.86 3.26 0.71
CA LYS A 996 17.24 3.03 0.31
C LYS A 996 18.10 4.24 0.68
N LEU A 997 17.64 5.44 0.35
CA LEU A 997 18.43 6.64 0.62
C LEU A 997 18.35 7.07 2.08
N ASN A 998 17.62 6.34 2.93
CA ASN A 998 17.77 6.50 4.37
C ASN A 998 19.15 6.09 4.82
N HIS A 999 19.57 4.87 4.47
CA HIS A 999 20.89 4.36 4.80
C HIS A 999 21.50 3.85 3.50
N LEU A 1000 22.12 4.76 2.76
CA LEU A 1000 22.74 4.44 1.49
C LEU A 1000 24.22 4.19 1.71
N VAL A 1001 24.67 2.97 1.41
CA VAL A 1001 26.09 2.63 1.44
C VAL A 1001 26.44 2.03 0.08
N LEU A 1002 27.67 2.29 -0.37
CA LEU A 1002 28.18 1.75 -1.62
C LEU A 1002 29.16 0.62 -1.33
N LYS A 1003 29.01 -0.50 -2.03
CA LYS A 1003 29.71 -1.72 -1.64
C LYS A 1003 31.12 -1.76 -2.19
N ASP A 1004 31.35 -1.17 -3.37
CA ASP A 1004 32.69 -1.21 -3.95
C ASP A 1004 33.59 -0.12 -3.38
N LYS A 1005 33.00 0.91 -2.77
CA LYS A 1005 33.77 2.03 -2.24
C LYS A 1005 34.59 1.61 -1.03
N ALA A 1006 35.78 2.20 -0.92
CA ALA A 1006 36.63 1.98 0.24
C ALA A 1006 36.08 2.72 1.46
N ASP A 1007 36.63 2.40 2.63
CA ASP A 1007 36.05 2.88 3.88
C ASP A 1007 36.39 4.34 4.14
N ASP A 1008 37.34 4.91 3.41
CA ASP A 1008 37.68 6.31 3.61
C ASP A 1008 36.70 7.24 2.88
N GLU A 1009 36.15 6.78 1.76
CA GLU A 1009 35.26 7.60 0.95
C GLU A 1009 33.92 7.80 1.65
N ILE A 1010 33.25 8.90 1.33
CA ILE A 1010 31.90 9.18 1.82
C ILE A 1010 30.91 8.38 0.99
N GLY A 1011 30.14 7.53 1.66
CA GLY A 1011 29.28 6.58 1.00
C GLY A 1011 29.58 5.13 1.30
N SER A 1012 30.58 4.86 2.16
CA SER A 1012 30.85 3.50 2.59
C SER A 1012 29.98 3.16 3.80
N TYR A 1013 30.24 2.00 4.41
CA TYR A 1013 29.46 1.61 5.59
C TYR A 1013 29.89 2.41 6.82
N LYS A 1014 31.10 2.96 6.80
CA LYS A 1014 31.53 3.84 7.88
C LYS A 1014 30.83 5.19 7.81
N ASN A 1015 30.74 5.76 6.61
CA ASN A 1015 30.07 7.04 6.39
C ASN A 1015 28.87 6.80 5.49
N ALA A 1016 27.75 6.44 6.09
CA ALA A 1016 26.55 6.13 5.34
C ALA A 1016 25.78 7.40 5.02
N LEU A 1017 25.26 7.47 3.80
CA LEU A 1017 24.51 8.66 3.40
C LEU A 1017 23.11 8.63 3.98
N GLN A 1018 22.64 9.80 4.38
CA GLN A 1018 21.30 10.00 4.93
C GLN A 1018 20.61 11.03 4.04
N LEU A 1019 20.05 10.56 2.93
CA LEU A 1019 19.63 11.50 1.90
C LEU A 1019 18.15 11.89 2.02
N THR A 1020 17.31 11.01 2.54
CA THR A 1020 15.90 11.30 2.65
C THR A 1020 15.46 11.24 4.11
N ASN A 1021 14.23 11.69 4.34
CA ASN A 1021 13.66 11.67 5.67
C ASN A 1021 13.32 10.25 6.09
N ASN A 1022 13.21 10.06 7.41
CA ASN A 1022 12.97 8.74 7.98
C ASN A 1022 11.56 8.27 7.63
N PHE A 1023 11.42 6.97 7.43
CA PHE A 1023 10.21 6.37 6.86
C PHE A 1023 9.18 6.02 7.93
N THR A 1024 9.17 6.71 9.06
CA THR A 1024 8.07 6.58 10.01
C THR A 1024 6.80 7.20 9.43
N ASP A 1025 6.93 8.31 8.72
CA ASP A 1025 5.82 8.90 7.97
C ASP A 1025 5.81 8.29 6.56
N LEU A 1026 5.30 7.07 6.49
CA LEU A 1026 5.32 6.32 5.23
C LEU A 1026 4.15 6.71 4.35
N LYS A 1027 3.04 7.14 4.95
CA LYS A 1027 1.86 7.51 4.16
C LYS A 1027 2.05 8.85 3.47
N SER A 1028 2.37 9.89 4.24
CA SER A 1028 2.43 11.25 3.71
C SER A 1028 3.73 11.43 2.92
N ILE A 1029 3.61 11.40 1.61
CA ILE A 1029 4.74 11.66 0.72
C ILE A 1029 4.37 12.84 -0.18
N GLY A 1030 4.69 14.04 0.29
CA GLY A 1030 4.28 15.26 -0.39
C GLY A 1030 5.44 16.20 -0.66
N LYS A 1031 5.77 16.34 -1.95
CA LYS A 1031 6.51 17.45 -2.55
C LYS A 1031 7.99 17.54 -2.19
N GLN A 1032 8.43 16.79 -1.17
CA GLN A 1032 9.82 16.75 -0.74
C GLN A 1032 10.00 15.63 0.27
N THR A 1033 10.99 14.77 0.02
CA THR A 1033 11.55 13.88 1.04
C THR A 1033 13.05 13.94 0.89
N GLY A 1034 13.68 14.88 1.58
CA GLY A 1034 15.12 15.06 1.44
C GLY A 1034 15.47 15.63 0.09
N PHE A 1035 16.24 14.86 -0.68
CA PHE A 1035 16.64 15.29 -2.02
C PHE A 1035 15.60 14.93 -3.07
N LEU A 1036 14.73 13.96 -2.76
CA LEU A 1036 13.64 13.63 -3.66
C LEU A 1036 12.62 14.76 -3.71
N PHE A 1037 12.14 15.06 -4.90
CA PHE A 1037 11.08 16.04 -5.09
C PHE A 1037 9.95 15.39 -5.86
N TYR A 1038 8.75 15.94 -5.72
CA TYR A 1038 7.55 15.36 -6.29
C TYR A 1038 6.76 16.43 -7.03
N VAL A 1039 6.68 16.31 -8.34
CA VAL A 1039 6.04 17.31 -9.19
C VAL A 1039 4.79 16.70 -9.82
N PRO A 1040 3.77 17.49 -10.15
CA PRO A 1040 2.60 16.93 -10.84
C PRO A 1040 2.93 16.57 -12.28
N ALA A 1041 2.54 15.36 -12.66
CA ALA A 1041 2.87 14.82 -13.98
C ALA A 1041 1.88 15.23 -15.06
N TRP A 1042 0.97 16.15 -14.78
CA TRP A 1042 0.06 16.63 -15.80
C TRP A 1042 0.74 17.73 -16.61
N ASN A 1043 0.50 17.71 -17.94
CA ASN A 1043 1.11 18.59 -18.93
C ASN A 1043 2.61 18.44 -19.03
N THR A 1044 3.13 17.21 -19.07
CA THR A 1044 4.56 16.96 -19.28
C THR A 1044 4.86 16.10 -20.50
N SER A 1045 3.94 15.23 -20.90
CA SER A 1045 4.30 14.18 -21.86
C SER A 1045 4.33 14.69 -23.29
N LYS A 1046 3.31 15.44 -23.70
CA LYS A 1046 3.20 15.93 -25.07
C LYS A 1046 3.33 17.45 -25.06
N ILE A 1047 4.58 17.91 -25.06
CA ILE A 1047 4.94 19.31 -25.24
C ILE A 1047 6.08 19.34 -26.22
N ASP A 1048 6.00 20.24 -27.20
CA ASP A 1048 7.14 20.53 -28.07
C ASP A 1048 8.29 21.07 -27.23
N PRO A 1049 9.40 20.33 -27.08
CA PRO A 1049 10.40 20.74 -26.10
C PRO A 1049 11.30 21.89 -26.57
N GLU A 1050 11.16 22.30 -27.83
CA GLU A 1050 11.88 23.47 -28.29
C GLU A 1050 11.18 24.76 -27.87
N THR A 1051 9.91 24.93 -28.25
CA THR A 1051 9.20 26.17 -28.01
C THR A 1051 8.19 26.09 -26.87
N GLY A 1052 7.99 24.92 -26.26
CA GLY A 1052 7.06 24.79 -25.16
C GLY A 1052 5.61 24.94 -25.58
N PHE A 1053 5.20 24.18 -26.59
CA PHE A 1053 3.88 24.30 -27.19
C PHE A 1053 3.01 23.13 -26.76
N VAL A 1054 1.95 23.41 -26.02
CA VAL A 1054 0.96 22.39 -25.67
C VAL A 1054 -0.36 22.79 -26.31
N ASP A 1055 -1.17 21.80 -26.66
CA ASP A 1055 -2.48 22.04 -27.27
C ASP A 1055 -3.49 22.35 -26.17
N LEU A 1056 -3.73 23.64 -25.96
CA LEU A 1056 -4.66 24.05 -24.90
C LEU A 1056 -6.10 24.01 -25.38
N LEU A 1057 -6.33 24.16 -26.68
CA LEU A 1057 -7.64 23.96 -27.27
C LEU A 1057 -7.78 22.50 -27.66
N LYS A 1058 -9.01 21.98 -27.60
CA LYS A 1058 -9.27 20.61 -27.99
C LYS A 1058 -10.27 20.58 -29.12
N PRO A 1059 -9.86 20.25 -30.35
CA PRO A 1059 -10.83 20.20 -31.44
C PRO A 1059 -11.70 18.94 -31.39
N ARG A 1060 -12.95 19.12 -30.97
CA ARG A 1060 -13.91 18.03 -30.86
C ARG A 1060 -15.24 18.49 -31.43
N TYR A 1061 -15.77 17.71 -32.36
CA TYR A 1061 -17.02 18.06 -33.02
C TYR A 1061 -18.19 17.60 -32.16
N GLU A 1062 -18.98 18.56 -31.68
CA GLU A 1062 -20.22 18.24 -30.97
C GLU A 1062 -21.42 18.71 -31.77
N ASN A 1063 -21.51 19.99 -32.12
CA ASN A 1063 -22.64 20.52 -32.87
C ASN A 1063 -22.14 21.42 -33.98
N ILE A 1064 -22.76 21.33 -35.16
CA ILE A 1064 -22.34 22.12 -36.30
C ILE A 1064 -22.90 23.54 -36.22
N ALA A 1065 -23.82 23.80 -35.28
CA ALA A 1065 -24.32 25.15 -35.08
C ALA A 1065 -23.24 26.06 -34.51
N GLN A 1066 -22.40 25.52 -33.63
CA GLN A 1066 -21.29 26.27 -33.05
C GLN A 1066 -19.94 25.84 -33.60
N SER A 1067 -19.89 24.86 -34.50
CA SER A 1067 -18.65 24.56 -35.20
C SER A 1067 -18.30 25.68 -36.18
N GLN A 1068 -19.32 26.41 -36.65
CA GLN A 1068 -19.08 27.66 -37.39
C GLN A 1068 -18.39 28.68 -36.50
N ALA A 1069 -18.80 28.76 -35.24
CA ALA A 1069 -18.22 29.76 -34.35
C ALA A 1069 -16.82 29.36 -33.89
N PHE A 1070 -16.50 28.06 -33.98
CA PHE A 1070 -15.17 27.60 -33.59
C PHE A 1070 -14.11 28.06 -34.58
N PHE A 1071 -14.37 27.85 -35.87
CA PHE A 1071 -13.38 28.21 -36.88
C PHE A 1071 -13.33 29.71 -37.12
N GLY A 1072 -14.37 30.44 -36.73
CA GLY A 1072 -14.34 31.89 -36.82
C GLY A 1072 -13.46 32.56 -35.79
N LYS A 1073 -13.05 31.83 -34.75
CA LYS A 1073 -12.16 32.37 -33.75
C LYS A 1073 -10.70 32.31 -34.21
N PHE A 1074 -10.44 31.58 -35.30
CA PHE A 1074 -9.11 31.54 -35.89
C PHE A 1074 -8.76 32.90 -36.48
N ASP A 1075 -7.50 33.31 -36.32
CA ASP A 1075 -7.08 34.61 -36.82
C ASP A 1075 -6.98 34.61 -38.34
N LYS A 1076 -6.27 33.63 -38.90
CA LYS A 1076 -6.07 33.59 -40.34
C LYS A 1076 -5.72 32.15 -40.74
N ILE A 1077 -6.57 31.55 -41.56
CA ILE A 1077 -6.28 30.25 -42.16
C ILE A 1077 -5.94 30.51 -43.62
N CYS A 1078 -4.71 30.19 -44.01
CA CYS A 1078 -4.28 30.38 -45.39
C CYS A 1078 -3.40 29.22 -45.81
N TYR A 1079 -3.02 29.23 -47.08
CA TYR A 1079 -2.11 28.24 -47.64
C TYR A 1079 -0.89 28.93 -48.20
N ASN A 1080 0.29 28.42 -47.83
CA ASN A 1080 1.56 28.94 -48.34
C ASN A 1080 1.95 28.14 -49.57
N ALA A 1081 1.88 28.77 -50.74
CA ALA A 1081 2.26 28.08 -51.98
C ALA A 1081 3.77 27.91 -52.06
N ASP A 1082 4.53 28.88 -51.51
CA ASP A 1082 5.98 28.80 -51.57
C ASP A 1082 6.51 27.85 -50.50
N ARG A 1083 5.97 27.91 -49.28
CA ARG A 1083 6.45 27.04 -48.22
C ARG A 1083 5.90 25.63 -48.36
N GLY A 1084 4.62 25.50 -48.70
CA GLY A 1084 4.04 24.21 -49.02
C GLY A 1084 3.11 23.63 -47.97
N TYR A 1085 2.77 24.37 -46.93
CA TYR A 1085 1.91 23.85 -45.87
C TYR A 1085 0.88 24.89 -45.46
N PHE A 1086 -0.23 24.41 -44.89
CA PHE A 1086 -1.31 25.30 -44.46
C PHE A 1086 -0.91 26.03 -43.17
N GLU A 1087 -1.69 27.05 -42.82
CA GLU A 1087 -1.34 27.97 -41.74
C GLU A 1087 -2.55 28.17 -40.86
N PHE A 1088 -2.66 27.41 -39.77
CA PHE A 1088 -3.74 27.63 -38.81
C PHE A 1088 -3.25 28.59 -37.74
N HIS A 1089 -3.42 29.89 -37.98
CA HIS A 1089 -3.20 30.88 -36.92
C HIS A 1089 -4.28 30.73 -35.86
N ILE A 1090 -3.89 30.91 -34.60
CA ILE A 1090 -4.83 30.87 -33.49
C ILE A 1090 -4.54 32.03 -32.56
N ASP A 1091 -5.46 32.26 -31.62
CA ASP A 1091 -5.25 33.20 -30.53
C ASP A 1091 -6.05 32.68 -29.34
N TYR A 1092 -5.37 32.35 -28.24
CA TYR A 1092 -6.01 31.61 -27.15
C TYR A 1092 -6.93 32.49 -26.33
N ALA A 1093 -6.87 33.81 -26.52
CA ALA A 1093 -7.83 34.70 -25.86
C ALA A 1093 -9.23 34.53 -26.44
N LYS A 1094 -9.31 34.23 -27.74
CA LYS A 1094 -10.61 34.12 -28.39
C LYS A 1094 -11.30 32.81 -28.06
N PHE A 1095 -10.53 31.72 -27.94
CA PHE A 1095 -11.08 30.45 -27.53
C PHE A 1095 -11.39 30.43 -26.03
N ASN A 1096 -12.03 29.36 -25.58
CA ASN A 1096 -12.17 29.14 -24.15
C ASN A 1096 -10.95 28.42 -23.60
N ASP A 1097 -11.03 27.97 -22.35
CA ASP A 1097 -9.88 27.45 -21.58
C ASP A 1097 -8.76 28.48 -21.55
N LYS A 1098 -9.06 29.67 -21.04
CA LYS A 1098 -8.17 30.82 -21.11
C LYS A 1098 -6.90 30.59 -20.28
N ALA A 1099 -5.77 31.00 -20.82
CA ALA A 1099 -4.46 30.72 -20.24
C ALA A 1099 -3.71 32.02 -20.01
N LYS A 1100 -3.25 32.21 -18.77
CA LYS A 1100 -2.52 33.40 -18.32
C LYS A 1100 -1.12 33.50 -18.92
N ASN A 1101 -0.57 32.39 -19.42
CA ASN A 1101 0.83 32.31 -19.82
C ASN A 1101 1.10 33.14 -21.08
N SER A 1102 2.38 33.23 -21.44
CA SER A 1102 2.77 33.92 -22.65
C SER A 1102 2.54 33.00 -23.85
N ARG A 1103 2.88 33.51 -25.04
CA ARG A 1103 2.60 32.87 -26.34
C ARG A 1103 1.13 32.53 -26.49
N GLN A 1104 0.28 33.56 -26.47
CA GLN A 1104 -1.13 33.37 -26.77
C GLN A 1104 -1.36 33.29 -28.28
N ILE A 1105 -0.36 33.66 -29.07
CA ILE A 1105 -0.39 33.53 -30.52
C ILE A 1105 0.46 32.31 -30.90
N TRP A 1106 0.03 31.60 -31.94
CA TRP A 1106 0.76 30.44 -32.43
C TRP A 1106 0.60 30.35 -33.93
N LYS A 1107 1.26 29.35 -34.52
CA LYS A 1107 1.28 29.14 -35.95
C LYS A 1107 1.33 27.63 -36.23
N ILE A 1108 0.17 27.02 -36.43
CA ILE A 1108 0.13 25.60 -36.73
C ILE A 1108 0.32 25.37 -38.23
N CYS A 1109 1.35 24.61 -38.57
CA CYS A 1109 1.69 24.33 -39.96
C CYS A 1109 1.67 22.83 -40.19
N SER A 1110 1.72 22.44 -41.46
CA SER A 1110 1.66 21.02 -41.82
C SER A 1110 3.06 20.51 -42.19
N HIS A 1111 3.16 19.17 -42.28
CA HIS A 1111 4.44 18.51 -42.51
C HIS A 1111 4.27 17.35 -43.46
N GLY A 1112 5.30 16.50 -43.50
CA GLY A 1112 5.39 15.39 -44.43
C GLY A 1112 4.60 14.15 -44.06
N ASP A 1113 4.82 13.62 -42.85
CA ASP A 1113 4.21 12.36 -42.46
C ASP A 1113 4.00 12.31 -40.96
N LYS A 1114 2.75 12.15 -40.55
CA LYS A 1114 2.37 12.02 -39.13
C LYS A 1114 1.73 10.67 -38.92
N ARG A 1115 2.47 9.74 -38.32
CA ARG A 1115 1.95 8.40 -38.05
C ARG A 1115 0.86 8.49 -37.00
N TYR A 1116 -0.38 8.24 -37.42
CA TYR A 1116 -1.53 8.57 -36.60
C TYR A 1116 -1.74 7.53 -35.50
N VAL A 1117 -2.23 8.00 -34.35
CA VAL A 1117 -2.45 7.12 -33.20
C VAL A 1117 -3.63 6.18 -33.48
N TYR A 1118 -3.78 5.17 -32.63
CA TYR A 1118 -4.76 4.13 -32.91
C TYR A 1118 -6.18 4.65 -32.73
N ASP A 1119 -6.92 4.67 -33.83
CA ASP A 1119 -8.33 5.03 -33.86
C ASP A 1119 -9.03 4.06 -34.79
N LYS A 1120 -9.83 3.17 -34.21
CA LYS A 1120 -10.49 2.11 -35.03
C LYS A 1120 -11.98 1.99 -34.73
N THR A 1121 -12.70 1.42 -35.69
CA THR A 1121 -14.17 1.17 -35.65
C THR A 1121 -14.41 -0.31 -35.98
N ALA A 1122 -15.64 -0.81 -35.80
CA ALA A 1122 -15.85 -2.25 -36.03
C ALA A 1122 -15.48 -2.60 -37.47
N ASN A 1123 -15.95 -1.78 -38.43
CA ASN A 1123 -15.63 -1.99 -39.88
C ASN A 1123 -14.12 -1.79 -40.09
N GLN A 1124 -13.55 -0.80 -39.42
CA GLN A 1124 -12.11 -0.45 -39.52
C GLN A 1124 -11.29 -1.60 -38.92
N ASN A 1125 -11.98 -2.50 -38.20
CA ASN A 1125 -11.30 -3.61 -37.55
C ASN A 1125 -10.12 -3.93 -38.46
N LYS A 1126 -8.92 -3.76 -37.94
CA LYS A 1126 -7.69 -3.84 -38.72
C LYS A 1126 -6.49 -3.80 -37.79
N GLY A 1127 -5.30 -3.52 -38.33
CA GLY A 1127 -4.16 -3.23 -37.49
C GLY A 1127 -4.30 -1.94 -36.68
N ALA A 1128 -5.29 -1.10 -37.04
CA ALA A 1128 -5.91 -0.05 -36.24
C ALA A 1128 -5.05 1.19 -36.07
N THR A 1129 -3.88 1.24 -36.70
CA THR A 1129 -3.09 2.46 -36.79
C THR A 1129 -2.90 2.78 -38.26
N ILE A 1130 -3.71 3.72 -38.76
CA ILE A 1130 -3.67 4.13 -40.16
C ILE A 1130 -2.99 5.49 -40.22
N GLY A 1131 -1.74 5.50 -40.67
CA GLY A 1131 -1.00 6.76 -40.73
C GLY A 1131 -1.54 7.67 -41.82
N VAL A 1132 -1.69 8.95 -41.47
CA VAL A 1132 -2.30 9.93 -42.36
C VAL A 1132 -1.21 10.88 -42.86
N ASN A 1133 -1.45 11.45 -44.03
CA ASN A 1133 -0.57 12.44 -44.64
C ASN A 1133 -1.39 13.72 -44.74
N VAL A 1134 -1.12 14.65 -43.83
CA VAL A 1134 -2.08 15.71 -43.53
C VAL A 1134 -2.06 16.79 -44.60
N ASN A 1135 -0.89 17.11 -45.15
CA ASN A 1135 -0.74 18.29 -45.98
C ASN A 1135 -1.38 18.12 -47.36
N ASP A 1136 -1.39 16.90 -47.89
CA ASP A 1136 -2.13 16.68 -49.13
C ASP A 1136 -3.58 16.33 -48.86
N GLU A 1137 -3.89 15.89 -47.64
CA GLU A 1137 -5.28 15.61 -47.30
C GLU A 1137 -6.01 16.90 -46.96
N LEU A 1138 -5.26 17.95 -46.60
CA LEU A 1138 -5.83 19.30 -46.58
C LEU A 1138 -5.98 19.85 -47.99
N LYS A 1139 -5.12 19.41 -48.91
CA LYS A 1139 -5.35 19.70 -50.32
C LYS A 1139 -6.56 18.92 -50.83
N SER A 1140 -6.80 17.74 -50.26
CA SER A 1140 -8.08 17.06 -50.44
C SER A 1140 -9.15 17.73 -49.58
N LEU A 1141 -10.40 17.40 -49.89
CA LEU A 1141 -11.68 17.83 -49.33
C LEU A 1141 -11.93 19.33 -49.50
N PHE A 1142 -10.98 20.09 -50.04
CA PHE A 1142 -11.19 21.46 -50.50
C PHE A 1142 -11.51 21.52 -51.98
N THR A 1143 -10.76 20.78 -52.79
CA THR A 1143 -11.13 20.62 -54.20
C THR A 1143 -12.29 19.65 -54.35
N ARG A 1144 -12.53 18.80 -53.34
CA ARG A 1144 -13.65 17.88 -53.41
C ARG A 1144 -14.97 18.58 -53.12
N TYR A 1145 -15.00 19.42 -52.09
CA TYR A 1145 -16.22 20.07 -51.64
C TYR A 1145 -16.42 21.46 -52.23
N HIS A 1146 -15.72 21.79 -53.32
CA HIS A 1146 -15.93 22.99 -54.14
C HIS A 1146 -15.70 24.29 -53.34
N ILE A 1147 -14.58 24.35 -52.64
CA ILE A 1147 -14.17 25.55 -51.92
C ILE A 1147 -12.74 25.89 -52.31
N ASN A 1148 -12.57 27.08 -52.89
CA ASN A 1148 -11.24 27.52 -53.33
C ASN A 1148 -10.39 27.90 -52.14
N ASP A 1149 -9.09 27.59 -52.21
CA ASP A 1149 -8.17 27.88 -51.12
C ASP A 1149 -7.02 28.79 -51.53
N LYS A 1150 -7.07 29.40 -52.71
CA LYS A 1150 -6.00 30.29 -53.13
C LYS A 1150 -6.09 31.64 -52.43
N GLN A 1151 -7.28 32.03 -52.00
CA GLN A 1151 -7.49 33.38 -51.49
C GLN A 1151 -6.97 33.50 -50.05
N PRO A 1152 -6.09 34.47 -49.77
CA PRO A 1152 -5.75 34.75 -48.37
C PRO A 1152 -6.62 35.83 -47.75
N ASN A 1153 -7.27 35.56 -46.62
CA ASN A 1153 -7.35 34.24 -46.00
C ASN A 1153 -8.66 33.56 -46.38
N LEU A 1154 -8.89 32.36 -45.85
CA LEU A 1154 -10.07 31.57 -46.17
C LEU A 1154 -10.72 31.07 -44.89
N VAL A 1155 -10.68 31.90 -43.85
CA VAL A 1155 -11.24 31.52 -42.55
C VAL A 1155 -12.76 31.67 -42.53
N MET A 1156 -13.30 32.68 -43.20
CA MET A 1156 -14.75 32.84 -43.26
C MET A 1156 -15.37 31.96 -44.33
N ASP A 1157 -14.56 31.49 -45.28
CA ASP A 1157 -15.07 30.65 -46.36
C ASP A 1157 -15.31 29.21 -45.88
N ILE A 1158 -14.71 28.83 -44.75
CA ILE A 1158 -15.05 27.56 -44.12
C ILE A 1158 -16.46 27.63 -43.54
N CYS A 1159 -16.84 28.80 -43.01
CA CYS A 1159 -18.07 28.97 -42.25
C CYS A 1159 -19.32 28.98 -43.12
N GLN A 1160 -19.19 29.13 -44.43
CA GLN A 1160 -20.34 29.11 -45.32
C GLN A 1160 -20.61 27.73 -45.91
N ASN A 1161 -19.90 26.70 -45.44
CA ASN A 1161 -20.11 25.33 -45.90
C ASN A 1161 -20.64 24.51 -44.73
N ASN A 1162 -21.72 23.76 -44.98
CA ASN A 1162 -22.41 22.99 -43.95
C ASN A 1162 -22.66 21.57 -44.45
N ASP A 1163 -21.62 20.96 -45.02
CA ASP A 1163 -21.79 19.68 -45.70
C ASP A 1163 -21.89 18.51 -44.71
N LYS A 1164 -21.62 18.76 -43.42
CA LYS A 1164 -21.63 17.87 -42.26
C LYS A 1164 -20.45 16.90 -42.27
N GLU A 1165 -19.67 16.85 -43.35
CA GLU A 1165 -18.44 16.08 -43.39
C GLU A 1165 -17.22 16.98 -43.58
N PHE A 1166 -17.45 18.21 -44.06
CA PHE A 1166 -16.36 19.18 -44.16
C PHE A 1166 -15.94 19.66 -42.77
N HIS A 1167 -16.90 20.04 -41.94
CA HIS A 1167 -16.59 20.49 -40.59
C HIS A 1167 -16.16 19.32 -39.71
N LYS A 1168 -16.65 18.12 -40.02
CA LYS A 1168 -16.29 16.96 -39.22
C LYS A 1168 -14.87 16.49 -39.50
N SER A 1169 -14.45 16.52 -40.77
CA SER A 1169 -13.12 16.02 -41.11
C SER A 1169 -12.06 17.09 -40.92
N LEU A 1170 -12.46 18.37 -40.88
CA LEU A 1170 -11.52 19.40 -40.46
C LEU A 1170 -11.21 19.30 -38.97
N MET A 1171 -12.12 18.71 -38.20
CA MET A 1171 -11.78 18.37 -36.82
C MET A 1171 -10.81 17.19 -36.77
N TYR A 1172 -10.99 16.21 -37.65
CA TYR A 1172 -10.14 15.02 -37.67
C TYR A 1172 -8.73 15.35 -38.11
N LEU A 1173 -8.57 16.35 -38.98
CA LEU A 1173 -7.24 16.69 -39.47
C LEU A 1173 -6.59 17.76 -38.60
N LEU A 1174 -7.38 18.40 -37.73
CA LEU A 1174 -6.80 19.28 -36.73
C LEU A 1174 -6.48 18.54 -35.44
N LYS A 1175 -7.24 17.49 -35.13
CA LYS A 1175 -6.93 16.66 -33.96
C LYS A 1175 -5.65 15.86 -34.19
N THR A 1176 -5.32 15.58 -35.45
CA THR A 1176 -4.05 14.96 -35.77
C THR A 1176 -2.90 15.94 -35.57
N LEU A 1177 -3.07 17.17 -36.03
CA LEU A 1177 -1.99 18.16 -35.98
C LEU A 1177 -1.70 18.61 -34.56
N LEU A 1178 -2.73 18.73 -33.73
CA LEU A 1178 -2.54 19.28 -32.39
C LEU A 1178 -2.07 18.21 -31.42
N ALA A 1179 -2.37 16.95 -31.70
CA ALA A 1179 -1.73 15.86 -30.96
C ALA A 1179 -0.26 15.83 -31.30
N LEU A 1180 0.59 15.76 -30.27
CA LEU A 1180 2.01 15.98 -30.46
C LEU A 1180 2.84 14.70 -30.44
N ARG A 1181 2.38 13.63 -29.80
CA ARG A 1181 3.12 12.37 -29.77
C ARG A 1181 2.44 11.36 -30.68
N TYR A 1182 3.24 10.56 -31.37
CA TYR A 1182 2.77 9.70 -32.44
C TYR A 1182 3.35 8.30 -32.27
N SER A 1183 2.47 7.29 -32.23
CA SER A 1183 2.88 5.91 -32.03
C SER A 1183 2.32 5.05 -33.15
N ASN A 1184 3.19 4.27 -33.79
CA ASN A 1184 2.83 3.46 -34.94
C ASN A 1184 2.83 1.97 -34.60
N ALA A 1185 2.55 1.16 -35.62
CA ALA A 1185 2.51 -0.29 -35.44
C ALA A 1185 3.90 -0.86 -35.21
N SER A 1186 4.91 -0.27 -35.86
CA SER A 1186 6.29 -0.60 -35.58
C SER A 1186 6.64 -0.17 -34.17
N SER A 1187 6.85 -1.15 -33.28
CA SER A 1187 6.94 -0.89 -31.85
C SER A 1187 8.23 -0.14 -31.50
N ASP A 1188 9.26 -0.29 -32.33
CA ASP A 1188 10.51 0.44 -32.08
C ASP A 1188 10.36 1.93 -32.38
N GLU A 1189 9.40 2.30 -33.24
CA GLU A 1189 9.23 3.68 -33.68
C GLU A 1189 8.12 4.34 -32.85
N ASP A 1190 8.52 5.31 -32.03
CA ASP A 1190 7.61 6.19 -31.30
C ASP A 1190 8.29 7.55 -31.22
N PHE A 1191 7.56 8.62 -31.54
CA PHE A 1191 8.23 9.89 -31.76
C PHE A 1191 7.26 11.03 -31.50
N ILE A 1192 7.80 12.24 -31.59
CA ILE A 1192 7.06 13.48 -31.42
C ILE A 1192 7.41 14.42 -32.55
N LEU A 1193 6.39 14.93 -33.24
CA LEU A 1193 6.57 15.91 -34.30
C LEU A 1193 5.63 17.07 -33.97
N SER A 1194 6.16 18.30 -34.01
CA SER A 1194 5.42 19.46 -33.55
C SER A 1194 5.05 20.36 -34.71
N PRO A 1195 3.84 20.92 -34.73
CA PRO A 1195 3.49 21.86 -35.80
C PRO A 1195 4.22 23.20 -35.73
N VAL A 1196 4.35 23.80 -34.54
CA VAL A 1196 4.88 25.14 -34.45
C VAL A 1196 6.41 25.12 -34.56
N ALA A 1197 6.96 26.14 -35.22
CA ALA A 1197 8.38 26.23 -35.47
C ALA A 1197 9.07 27.08 -34.41
N ASN A 1198 10.40 27.11 -34.48
CA ASN A 1198 11.21 27.90 -33.57
C ASN A 1198 11.27 29.35 -34.05
N ASP A 1199 12.10 30.13 -33.35
CA ASP A 1199 12.39 31.49 -33.81
C ASP A 1199 13.25 31.46 -35.08
N GLU A 1200 14.06 30.41 -35.23
CA GLU A 1200 14.87 30.26 -36.44
C GLU A 1200 14.03 29.79 -37.61
N GLY A 1201 13.04 28.94 -37.36
CA GLY A 1201 12.12 28.51 -38.39
C GLY A 1201 12.18 27.04 -38.76
N VAL A 1202 12.91 26.22 -38.02
CA VAL A 1202 12.91 24.78 -38.28
C VAL A 1202 11.97 24.11 -37.28
N PHE A 1203 11.39 22.98 -37.69
CA PHE A 1203 10.43 22.27 -36.88
C PHE A 1203 11.12 21.17 -36.09
N PHE A 1204 10.53 20.78 -34.97
CA PHE A 1204 11.08 19.74 -34.11
C PHE A 1204 10.53 18.39 -34.55
N ASN A 1205 11.40 17.57 -35.13
CA ASN A 1205 11.14 16.14 -35.32
C ASN A 1205 12.11 15.40 -34.40
N SER A 1206 11.57 14.56 -33.51
CA SER A 1206 12.42 13.86 -32.55
C SER A 1206 13.23 12.76 -33.22
N ALA A 1207 12.77 12.26 -34.37
CA ALA A 1207 13.51 11.21 -35.07
C ALA A 1207 14.73 11.76 -35.79
N LEU A 1208 14.62 12.97 -36.33
CA LEU A 1208 15.72 13.61 -37.06
C LEU A 1208 15.77 15.07 -36.69
N ALA A 1209 16.75 15.47 -35.87
CA ALA A 1209 17.81 14.59 -35.37
C ALA A 1209 18.02 14.75 -33.86
N ASP A 1210 18.91 13.92 -33.31
CA ASP A 1210 19.13 13.84 -31.87
C ASP A 1210 20.40 14.60 -31.50
N ASP A 1211 20.26 15.90 -31.24
CA ASP A 1211 21.36 16.76 -30.80
C ASP A 1211 20.95 17.41 -29.48
N THR A 1212 21.39 16.80 -28.36
CA THR A 1212 21.08 17.15 -26.95
C THR A 1212 19.58 17.48 -26.72
N GLN A 1213 18.72 16.78 -27.44
CA GLN A 1213 17.28 16.90 -27.40
C GLN A 1213 16.67 15.53 -27.10
N PRO A 1214 15.41 15.47 -26.59
CA PRO A 1214 14.78 14.17 -26.33
C PRO A 1214 14.69 13.26 -27.55
N GLN A 1215 15.16 12.02 -27.38
CA GLN A 1215 15.32 11.11 -28.52
C GLN A 1215 13.98 10.67 -29.09
N ASN A 1216 12.97 10.49 -28.25
CA ASN A 1216 11.69 9.96 -28.67
C ASN A 1216 10.60 10.53 -27.78
N ALA A 1217 9.42 9.89 -27.84
CA ALA A 1217 8.28 10.38 -27.08
C ALA A 1217 8.39 10.00 -25.61
N ASP A 1218 9.14 8.93 -25.31
CA ASP A 1218 9.30 8.54 -23.92
C ASP A 1218 10.36 9.38 -23.22
N ALA A 1219 11.34 9.87 -23.98
CA ALA A 1219 12.35 10.75 -23.39
C ALA A 1219 11.78 12.12 -23.08
N ASN A 1220 10.75 12.56 -23.81
CA ASN A 1220 10.16 13.87 -23.58
C ASN A 1220 9.33 13.86 -22.30
N GLY A 1221 8.73 12.72 -21.98
CA GLY A 1221 7.99 12.60 -20.73
C GLY A 1221 8.91 12.64 -19.52
N ALA A 1222 10.16 12.26 -19.70
CA ALA A 1222 11.13 12.33 -18.60
C ALA A 1222 11.91 13.64 -18.64
N TYR A 1223 11.95 14.30 -19.79
CA TYR A 1223 12.68 15.56 -19.90
C TYR A 1223 11.89 16.70 -19.26
N HIS A 1224 10.56 16.65 -19.36
CA HIS A 1224 9.75 17.74 -18.83
C HIS A 1224 9.45 17.52 -17.35
N ILE A 1225 9.65 16.30 -16.85
CA ILE A 1225 9.65 16.09 -15.41
C ILE A 1225 10.86 16.78 -14.79
N ALA A 1226 12.03 16.62 -15.40
CA ALA A 1226 13.25 17.22 -14.85
C ALA A 1226 13.30 18.72 -15.11
N LEU A 1227 12.51 19.22 -16.07
CA LEU A 1227 12.35 20.65 -16.20
C LEU A 1227 11.47 21.21 -15.10
N LYS A 1228 10.52 20.41 -14.59
CA LYS A 1228 9.74 20.84 -13.44
C LYS A 1228 10.60 20.85 -12.18
N GLY A 1229 11.62 20.00 -12.13
CA GLY A 1229 12.54 20.04 -11.01
C GLY A 1229 13.57 21.15 -11.14
N LEU A 1230 13.80 21.61 -12.36
CA LEU A 1230 14.69 22.75 -12.56
C LEU A 1230 14.06 24.03 -12.04
N TRP A 1231 12.73 24.10 -12.06
CA TRP A 1231 12.05 25.28 -11.54
C TRP A 1231 12.03 25.27 -10.02
N LEU A 1232 11.98 24.08 -9.41
CA LEU A 1232 12.10 23.98 -7.96
C LEU A 1232 13.51 24.32 -7.50
N LEU A 1233 14.50 24.06 -8.37
CA LEU A 1233 15.85 24.53 -8.11
C LEU A 1233 15.94 26.04 -8.22
N ASN A 1234 15.18 26.62 -9.15
CA ASN A 1234 15.23 28.07 -9.35
C ASN A 1234 14.44 28.83 -8.30
N GLU A 1235 13.56 28.13 -7.56
CA GLU A 1235 12.95 28.77 -6.40
C GLU A 1235 13.89 28.81 -5.22
N LEU A 1236 14.71 27.76 -5.06
CA LEU A 1236 15.64 27.72 -3.93
C LEU A 1236 16.81 28.68 -4.16
N LYS A 1237 17.20 28.87 -5.41
CA LYS A 1237 18.25 29.84 -5.72
C LYS A 1237 17.73 31.27 -5.59
N ASN A 1238 16.41 31.47 -5.71
CA ASN A 1238 15.79 32.77 -5.52
C ASN A 1238 15.06 32.89 -4.19
N SER A 1239 15.49 32.13 -3.17
CA SER A 1239 14.88 32.17 -1.85
C SER A 1239 15.89 32.77 -0.88
N ASP A 1240 15.59 33.96 -0.37
CA ASP A 1240 16.45 34.58 0.63
C ASP A 1240 16.09 34.13 2.04
N ASP A 1241 14.83 33.74 2.25
CA ASP A 1241 14.38 33.12 3.49
C ASP A 1241 13.78 31.76 3.12
N LEU A 1242 14.34 30.69 3.67
CA LEU A 1242 14.02 29.33 3.28
C LEU A 1242 13.07 28.62 4.25
N ASN A 1243 12.46 29.36 5.17
CA ASN A 1243 11.72 28.71 6.25
C ASN A 1243 10.36 28.19 5.78
N LYS A 1244 9.65 28.98 4.97
CA LYS A 1244 8.28 28.64 4.58
C LYS A 1244 8.10 28.68 3.07
N VAL A 1245 9.13 28.28 2.31
CA VAL A 1245 9.03 28.27 0.86
C VAL A 1245 8.07 27.15 0.41
N LYS A 1246 7.13 27.51 -0.46
CA LYS A 1246 6.16 26.57 -1.01
C LYS A 1246 6.61 26.18 -2.41
N LEU A 1247 6.84 24.88 -2.61
CA LEU A 1247 7.39 24.36 -3.84
C LEU A 1247 6.31 23.92 -4.83
N ALA A 1248 5.07 24.36 -4.64
CA ALA A 1248 3.96 23.90 -5.48
C ALA A 1248 4.06 24.47 -6.89
N ILE A 1249 3.49 23.75 -7.85
CA ILE A 1249 3.48 24.16 -9.25
C ILE A 1249 2.04 24.39 -9.68
N ASP A 1250 1.71 25.63 -9.99
CA ASP A 1250 0.47 25.91 -10.69
C ASP A 1250 0.60 25.50 -12.14
N ASN A 1251 -0.54 25.30 -12.80
CA ASN A 1251 -0.50 24.81 -14.18
C ASN A 1251 -0.06 25.89 -15.15
N GLN A 1252 -0.35 27.15 -14.82
CA GLN A 1252 0.04 28.24 -15.71
C GLN A 1252 1.46 28.71 -15.45
N THR A 1253 1.98 28.47 -14.24
CA THR A 1253 3.35 28.87 -13.93
C THR A 1253 4.36 27.99 -14.66
N TRP A 1254 4.05 26.70 -14.81
CA TRP A 1254 4.93 25.79 -15.53
C TRP A 1254 4.88 26.08 -17.04
N LEU A 1255 3.70 26.44 -17.54
CA LEU A 1255 3.57 26.77 -18.96
C LEU A 1255 4.28 28.08 -19.28
N ASN A 1256 4.25 29.03 -18.35
CA ASN A 1256 4.95 30.29 -18.55
C ASN A 1256 6.46 30.11 -18.44
N PHE A 1257 6.90 29.12 -17.66
CA PHE A 1257 8.33 28.91 -17.47
C PHE A 1257 8.94 28.13 -18.62
N ALA A 1258 8.19 27.17 -19.17
CA ALA A 1258 8.77 26.23 -20.13
C ALA A 1258 9.06 26.89 -21.48
N GLN A 1259 8.30 27.94 -21.82
CA GLN A 1259 8.42 28.56 -23.13
C GLN A 1259 9.10 29.91 -23.10
N ASN A 1260 9.35 30.48 -21.91
CA ASN A 1260 10.15 31.68 -21.77
C ASN A 1260 11.57 31.37 -21.33
N ARG A 1261 12.05 30.15 -21.58
CA ARG A 1261 13.37 29.71 -21.15
C ARG A 1261 14.35 29.69 -22.31
#